data_4LO1
#
_entry.id   4LO1
#
_cell.length_a   107.131
_cell.length_b   118.697
_cell.length_c   162.449
_cell.angle_alpha   90.00
_cell.angle_beta   90.00
_cell.angle_gamma   90.00
#
_symmetry.space_group_name_H-M   'C 2 2 21'
#
loop_
_entity.id
_entity.type
_entity.pdbx_description
1 polymer HA-33
2 polymer HA-17
3 non-polymer beta-D-galactopyranose
4 water water
#
loop_
_entity_poly.entity_id
_entity_poly.type
_entity_poly.pdbx_seq_one_letter_code
_entity_poly.pdbx_strand_id
1 'polypeptide(L)'
;EHYSVIQNSLNDKIVTISCKADTNLFFYQVAGNVSLFQQTRNYLERWRLIYDSNKAAYKIKSMDIHNTNLVLTWNAPTHN
ISTQQDSNADNQYWLLLKDIGNNSFIIASYKNPNLVLYADTVARNLKLSTLNNSNYIKFIIEDYIISDLNNFTCKISPIL
DLNKVVQQVDVTNLNVNLYTWDYGRNQKWTIRYNEEKAAYQFFNTILSNGVLTWIFSNGNTVRVSSSNDQNNDAQYWLIN
PVSDTDETYTITNLRDTTKALDLYGGQTANGTAIQVFNYHGDDNQKWNIRNPPGSA
;
A,B
2 'polypeptide(L)'
;GPSVERTFLPNGNYNIKSIFSGSLYLNPVSKSLTFSNESSANNQKWNVEYMAENRCFKISNVAEPNKYLSYDNFGFISLD
SLSNRCYWFPIKIAVNTYIMLSLNKVNELDYAWDIYDTNENILSQPLLLLPNFDIYNSNQMFKLEKI
;
C
#
loop_
_chem_comp.id
_chem_comp.type
_chem_comp.name
_chem_comp.formula
GAL D-saccharide, beta linking beta-D-galactopyranose 'C6 H12 O6'
#
# COMPACT_ATOMS: atom_id res chain seq x y z
N ASN A 8 -9.04 8.21 0.39
CA ASN A 8 -10.03 8.74 1.32
C ASN A 8 -9.45 8.87 2.72
N SER A 9 -8.49 8.01 3.05
CA SER A 9 -7.75 8.12 4.30
C SER A 9 -6.62 9.13 4.17
N LEU A 10 -6.38 9.58 2.94
CA LEU A 10 -5.36 10.58 2.66
C LEU A 10 -5.98 11.87 2.16
N ASN A 11 -7.29 11.84 1.92
CA ASN A 11 -8.00 13.01 1.44
C ASN A 11 -7.86 14.20 2.38
N ASP A 12 -7.54 15.36 1.82
CA ASP A 12 -7.36 16.61 2.58
C ASP A 12 -6.19 16.62 3.55
N LYS A 13 -5.43 15.53 3.62
CA LYS A 13 -4.26 15.48 4.47
C LYS A 13 -3.15 16.36 3.90
N ILE A 14 -2.50 17.11 4.78
CA ILE A 14 -1.39 17.97 4.40
C ILE A 14 -0.08 17.25 4.72
N VAL A 15 0.76 17.07 3.70
CA VAL A 15 1.93 16.22 3.84
C VAL A 15 3.18 16.90 3.31
N THR A 16 4.33 16.33 3.64
CA THR A 16 5.56 16.61 2.91
C THR A 16 5.91 15.36 2.11
N ILE A 17 6.61 15.54 1.01
CA ILE A 17 7.02 14.42 0.16
C ILE A 17 8.53 14.48 -0.03
N SER A 18 9.21 13.44 0.44
CA SER A 18 10.66 13.38 0.30
C SER A 18 11.10 12.14 -0.48
N CYS A 19 12.36 12.12 -0.87
CA CYS A 19 12.89 11.09 -1.75
C CYS A 19 13.43 9.88 -0.99
N LYS A 20 13.04 8.70 -1.41
CA LYS A 20 13.58 7.47 -0.85
C LYS A 20 15.07 7.38 -1.21
N ALA A 21 15.42 7.97 -2.35
CA ALA A 21 16.81 7.94 -2.83
C ALA A 21 17.68 8.90 -2.03
N ASP A 22 17.08 9.98 -1.52
CA ASP A 22 17.77 10.95 -0.69
C ASP A 22 16.75 11.56 0.27
N THR A 23 16.68 11.01 1.48
CA THR A 23 15.65 11.39 2.44
C THR A 23 15.79 12.82 2.94
N ASN A 24 16.89 13.47 2.58
CA ASN A 24 17.10 14.87 2.94
C ASN A 24 16.58 15.83 1.88
N LEU A 25 16.03 15.30 0.78
CA LEU A 25 15.45 16.13 -0.26
C LEU A 25 13.93 16.03 -0.29
N PHE A 26 13.27 17.19 -0.31
CA PHE A 26 11.82 17.28 -0.23
C PHE A 26 11.24 17.99 -1.46
N PHE A 27 10.00 17.68 -1.80
CA PHE A 27 9.30 18.41 -2.87
C PHE A 27 9.15 19.86 -2.42
N TYR A 28 9.62 20.78 -3.26
CA TYR A 28 9.68 22.19 -2.93
C TYR A 28 9.00 22.98 -4.03
N GLN A 29 8.16 23.94 -3.65
CA GLN A 29 7.38 24.70 -4.62
C GLN A 29 7.57 26.21 -4.46
N VAL A 30 7.76 26.90 -5.58
CA VAL A 30 7.72 28.36 -5.61
C VAL A 30 7.48 28.89 -7.03
N ALA A 31 6.43 29.72 -7.16
CA ALA A 31 6.11 30.41 -8.42
C ALA A 31 5.90 29.50 -9.62
N GLY A 32 5.38 28.29 -9.39
CA GLY A 32 5.08 27.38 -10.48
C GLY A 32 6.22 26.44 -10.78
N ASN A 33 7.29 26.55 -10.00
CA ASN A 33 8.45 25.70 -10.19
C ASN A 33 8.53 24.66 -9.08
N VAL A 34 8.74 23.41 -9.45
CA VAL A 34 8.89 22.33 -8.48
C VAL A 34 10.32 21.81 -8.48
N SER A 35 10.93 21.74 -7.30
CA SER A 35 12.30 21.28 -7.19
C SER A 35 12.49 20.41 -5.95
N LEU A 36 13.68 19.84 -5.82
CA LEU A 36 14.03 19.04 -4.65
C LEU A 36 14.96 19.84 -3.76
N PHE A 37 14.58 20.00 -2.49
CA PHE A 37 15.32 20.89 -1.61
C PHE A 37 15.38 20.34 -0.19
N GLN A 38 16.40 20.76 0.56
CA GLN A 38 16.59 20.38 1.95
C GLN A 38 15.36 20.76 2.78
N GLN A 39 15.19 20.11 3.92
CA GLN A 39 14.02 20.33 4.78
C GLN A 39 13.91 21.79 5.24
N THR A 40 12.73 22.38 5.06
CA THR A 40 12.50 23.77 5.45
C THR A 40 11.50 23.92 6.59
N ARG A 41 10.70 22.87 6.82
CA ARG A 41 9.66 22.90 7.86
C ARG A 41 8.70 24.07 7.69
N ASN A 42 8.31 24.35 6.45
CA ASN A 42 7.33 25.39 6.18
C ASN A 42 6.47 25.07 4.97
N TYR A 43 5.55 25.98 4.63
CA TYR A 43 4.54 25.73 3.60
C TYR A 43 5.12 25.44 2.21
N LEU A 44 6.36 25.87 1.98
CA LEU A 44 7.01 25.70 0.68
C LEU A 44 7.21 24.23 0.33
N GLU A 45 7.21 23.38 1.37
CA GLU A 45 7.36 21.95 1.16
C GLU A 45 6.15 21.17 1.66
N ARG A 46 5.02 21.85 1.75
CA ARG A 46 3.79 21.21 2.19
C ARG A 46 2.78 21.09 1.05
N TRP A 47 2.04 19.98 1.05
CA TRP A 47 1.12 19.67 -0.03
C TRP A 47 -0.14 19.06 0.53
N ARG A 48 -1.28 19.44 -0.02
CA ARG A 48 -2.54 18.84 0.36
C ARG A 48 -2.94 17.77 -0.65
N LEU A 49 -3.28 16.59 -0.16
CA LEU A 49 -3.75 15.52 -1.02
C LEU A 49 -5.27 15.60 -1.20
N ILE A 50 -5.71 15.82 -2.43
CA ILE A 50 -7.13 15.98 -2.71
C ILE A 50 -7.64 14.82 -3.54
N TYR A 51 -8.56 14.05 -2.95
CA TYR A 51 -9.03 12.81 -3.54
C TYR A 51 -10.27 13.00 -4.42
N ASP A 52 -10.24 12.37 -5.59
CA ASP A 52 -11.42 12.23 -6.44
C ASP A 52 -11.84 10.76 -6.41
N SER A 53 -13.02 10.48 -5.86
CA SER A 53 -13.49 9.11 -5.74
C SER A 53 -13.75 8.45 -7.09
N ASN A 54 -14.26 9.22 -8.04
CA ASN A 54 -14.57 8.68 -9.37
C ASN A 54 -13.31 8.27 -10.13
N LYS A 55 -12.27 9.08 -10.02
CA LYS A 55 -11.00 8.81 -10.69
C LYS A 55 -10.13 7.87 -9.87
N ALA A 56 -10.42 7.78 -8.57
CA ALA A 56 -9.58 7.07 -7.62
C ALA A 56 -8.14 7.57 -7.70
N ALA A 57 -8.00 8.88 -7.82
CA ALA A 57 -6.70 9.51 -7.96
C ALA A 57 -6.64 10.78 -7.12
N TYR A 58 -5.43 11.34 -6.98
CA TYR A 58 -5.23 12.48 -6.11
C TYR A 58 -4.63 13.68 -6.85
N LYS A 59 -5.09 14.87 -6.48
CA LYS A 59 -4.39 16.09 -6.84
C LYS A 59 -3.39 16.39 -5.73
N ILE A 60 -2.25 16.95 -6.10
CA ILE A 60 -1.21 17.29 -5.13
C ILE A 60 -1.03 18.80 -5.10
N LYS A 61 -1.78 19.44 -4.20
CA LYS A 61 -1.90 20.90 -4.16
C LYS A 61 -0.85 21.55 -3.27
N SER A 62 -0.16 22.56 -3.79
CA SER A 62 0.85 23.27 -3.02
C SER A 62 0.21 24.18 -1.96
N MET A 63 0.78 24.18 -0.77
CA MET A 63 0.30 25.03 0.31
C MET A 63 0.95 26.41 0.27
N ASP A 64 1.28 26.87 -0.94
CA ASP A 64 1.82 28.21 -1.12
C ASP A 64 0.83 29.27 -0.64
N ILE A 65 1.32 30.24 0.12
CA ILE A 65 0.44 31.22 0.75
C ILE A 65 0.05 32.36 -0.19
N HIS A 66 0.82 32.56 -1.24
CA HIS A 66 0.54 33.62 -2.21
C HIS A 66 -0.34 33.12 -3.35
N ASN A 67 0.13 32.10 -4.05
CA ASN A 67 -0.68 31.43 -5.07
C ASN A 67 -1.37 30.21 -4.46
N THR A 68 -2.68 30.31 -4.30
CA THR A 68 -3.42 29.33 -3.51
C THR A 68 -4.15 28.26 -4.33
N ASN A 69 -3.86 28.16 -5.62
CA ASN A 69 -4.50 27.14 -6.44
C ASN A 69 -3.53 26.39 -7.36
N LEU A 70 -2.31 26.18 -6.88
CA LEU A 70 -1.30 25.49 -7.67
C LEU A 70 -1.23 24.00 -7.34
N VAL A 71 -1.27 23.16 -8.37
CA VAL A 71 -1.19 21.71 -8.19
C VAL A 71 -0.12 21.06 -9.07
N LEU A 72 0.43 19.95 -8.58
CA LEU A 72 1.48 19.23 -9.30
C LEU A 72 0.97 18.82 -10.68
N THR A 73 1.67 19.27 -11.72
CA THR A 73 1.19 19.10 -13.09
C THR A 73 2.26 18.48 -13.99
N TRP A 74 1.86 17.47 -14.77
CA TRP A 74 2.74 16.88 -15.77
C TRP A 74 2.64 17.66 -17.07
N ASN A 75 3.76 18.20 -17.52
CA ASN A 75 3.82 18.99 -18.75
C ASN A 75 3.90 18.13 -20.02
N ALA A 76 2.87 17.31 -20.25
CA ALA A 76 2.78 16.51 -21.47
C ALA A 76 2.83 17.43 -22.68
N PRO A 77 3.50 17.00 -23.77
CA PRO A 77 4.10 15.67 -23.98
C PRO A 77 5.55 15.52 -23.51
N THR A 78 6.11 16.54 -22.86
CA THR A 78 7.46 16.41 -22.29
C THR A 78 7.40 15.54 -21.04
N HIS A 79 8.56 15.26 -20.45
CA HIS A 79 8.58 14.51 -19.20
C HIS A 79 8.70 15.44 -17.99
N ASN A 80 8.55 16.74 -18.24
CA ASN A 80 8.71 17.76 -17.19
C ASN A 80 7.53 17.86 -16.23
N ILE A 81 7.83 18.35 -15.04
CA ILE A 81 6.84 18.53 -13.98
C ILE A 81 6.86 19.98 -13.53
N SER A 82 5.69 20.53 -13.24
CA SER A 82 5.59 21.87 -12.67
C SER A 82 4.35 21.96 -11.80
N THR A 83 4.06 23.16 -11.31
CA THR A 83 2.80 23.43 -10.62
C THR A 83 2.02 24.47 -11.41
N GLN A 84 0.80 24.13 -11.79
CA GLN A 84 -0.03 25.02 -12.59
C GLN A 84 -1.35 25.23 -11.88
N GLN A 85 -2.10 26.24 -12.30
CA GLN A 85 -3.44 26.50 -11.78
C GLN A 85 -4.29 25.25 -11.91
N ASP A 86 -5.00 24.90 -10.85
CA ASP A 86 -5.83 23.70 -10.83
C ASP A 86 -7.04 23.85 -11.76
N SER A 87 -7.08 23.01 -12.79
CA SER A 87 -8.23 22.98 -13.70
C SER A 87 -8.84 21.59 -13.68
N ASN A 88 -8.47 20.80 -12.68
CA ASN A 88 -8.99 19.44 -12.49
C ASN A 88 -8.71 18.55 -13.70
N ALA A 89 -7.54 18.75 -14.31
CA ALA A 89 -7.17 18.03 -15.52
C ALA A 89 -6.52 16.69 -15.20
N ASP A 90 -6.56 15.77 -16.16
CA ASP A 90 -6.03 14.43 -15.96
C ASP A 90 -4.53 14.44 -15.68
N ASN A 91 -3.82 15.40 -16.29
CA ASN A 91 -2.38 15.52 -16.06
C ASN A 91 -2.07 16.21 -14.73
N GLN A 92 -3.11 16.50 -13.96
CA GLN A 92 -2.95 17.04 -12.61
C GLN A 92 -3.42 16.04 -11.56
N TYR A 93 -3.73 14.83 -12.00
CA TYR A 93 -4.14 13.75 -11.09
C TYR A 93 -3.09 12.64 -11.02
N TRP A 94 -2.97 12.01 -9.85
CA TRP A 94 -1.90 11.07 -9.60
C TRP A 94 -2.40 9.87 -8.81
N LEU A 95 -1.82 8.71 -9.10
CA LEU A 95 -2.13 7.51 -8.34
C LEU A 95 -1.07 7.35 -7.26
N LEU A 96 -1.51 7.27 -6.02
CA LEU A 96 -0.60 7.03 -4.92
C LEU A 96 -0.57 5.54 -4.62
N LEU A 97 0.49 4.88 -5.05
CA LEU A 97 0.60 3.43 -4.92
C LEU A 97 1.59 3.11 -3.82
N LYS A 98 1.09 2.59 -2.71
CA LYS A 98 1.96 2.34 -1.56
C LYS A 98 2.71 1.02 -1.69
N ASP A 99 4.03 1.10 -1.70
CA ASP A 99 4.88 -0.08 -1.76
C ASP A 99 4.94 -0.71 -0.37
N ILE A 100 4.05 -1.67 -0.12
CA ILE A 100 3.90 -2.24 1.21
C ILE A 100 5.17 -2.96 1.65
N GLY A 101 5.55 -2.72 2.91
CA GLY A 101 6.75 -3.32 3.46
C GLY A 101 7.95 -2.42 3.26
N ASN A 102 7.83 -1.48 2.33
CA ASN A 102 8.91 -0.58 1.99
C ASN A 102 8.65 0.81 2.55
N ASN A 103 7.41 1.05 2.98
CA ASN A 103 6.98 2.34 3.49
C ASN A 103 7.30 3.52 2.55
N SER A 104 7.08 3.30 1.25
CA SER A 104 7.32 4.33 0.26
C SER A 104 6.21 4.30 -0.77
N PHE A 105 6.10 5.36 -1.55
CA PHE A 105 5.07 5.46 -2.57
C PHE A 105 5.68 5.57 -3.95
N ILE A 106 5.05 4.89 -4.91
CA ILE A 106 5.26 5.18 -6.31
C ILE A 106 4.11 6.07 -6.74
N ILE A 107 4.43 7.18 -7.38
CA ILE A 107 3.41 8.16 -7.72
C ILE A 107 3.24 8.21 -9.23
N ALA A 108 2.18 7.57 -9.71
CA ALA A 108 1.97 7.42 -11.15
C ALA A 108 1.01 8.47 -11.69
N SER A 109 1.26 8.92 -12.91
CA SER A 109 0.35 9.86 -13.57
C SER A 109 -0.99 9.20 -13.87
N TYR A 110 -2.08 9.87 -13.50
CA TYR A 110 -3.40 9.34 -13.81
C TYR A 110 -3.69 9.43 -15.30
N LYS A 111 -3.11 10.44 -15.94
CA LYS A 111 -3.28 10.66 -17.36
C LYS A 111 -2.67 9.49 -18.12
N ASN A 112 -1.48 9.08 -17.70
CA ASN A 112 -0.77 7.97 -18.31
C ASN A 112 0.03 7.21 -17.24
N PRO A 113 -0.59 6.18 -16.67
CA PRO A 113 0.03 5.40 -15.59
C PRO A 113 1.28 4.63 -15.99
N ASN A 114 1.62 4.59 -17.28
CA ASN A 114 2.91 4.04 -17.70
C ASN A 114 4.05 4.89 -17.12
N LEU A 115 3.73 6.12 -16.72
CA LEU A 115 4.73 7.07 -16.27
C LEU A 115 4.56 7.44 -14.79
N VAL A 116 5.68 7.48 -14.08
CA VAL A 116 5.68 7.75 -12.64
C VAL A 116 6.71 8.83 -12.33
N LEU A 117 6.55 9.47 -11.17
CA LEU A 117 7.51 10.50 -10.74
C LEU A 117 8.89 9.91 -10.49
N TYR A 118 9.90 10.64 -10.96
CA TYR A 118 11.29 10.21 -10.88
C TYR A 118 12.12 11.35 -10.31
N ALA A 119 12.85 11.07 -9.23
CA ALA A 119 13.67 12.08 -8.57
C ALA A 119 15.07 12.20 -9.16
N ASP A 120 15.33 13.32 -9.83
CA ASP A 120 16.66 13.61 -10.33
C ASP A 120 17.42 14.35 -9.23
N THR A 121 18.13 13.59 -8.40
CA THR A 121 18.76 14.14 -7.21
C THR A 121 20.04 14.92 -7.48
N VAL A 122 20.42 15.03 -8.75
CA VAL A 122 21.60 15.81 -9.09
C VAL A 122 21.21 17.12 -9.76
N ALA A 123 20.07 17.10 -10.44
CA ALA A 123 19.50 18.30 -11.01
C ALA A 123 18.52 18.89 -10.00
N ARG A 124 18.18 18.07 -9.01
CA ARG A 124 17.34 18.50 -7.91
C ARG A 124 15.96 18.90 -8.38
N ASN A 125 15.39 18.12 -9.30
CA ASN A 125 14.02 18.30 -9.77
C ASN A 125 13.34 16.98 -10.07
N LEU A 126 12.11 17.04 -10.54
CA LEU A 126 11.33 15.84 -10.82
C LEU A 126 11.08 15.73 -12.31
N LYS A 127 11.00 14.49 -12.80
CA LYS A 127 10.54 14.24 -14.16
C LYS A 127 9.71 12.95 -14.16
N LEU A 128 9.03 12.67 -15.25
CA LEU A 128 8.30 11.41 -15.37
C LEU A 128 9.19 10.35 -16.01
N SER A 129 9.03 9.12 -15.58
CA SER A 129 9.82 8.00 -16.09
C SER A 129 9.00 6.73 -16.13
N THR A 130 9.45 5.77 -16.94
CA THR A 130 8.90 4.43 -16.88
C THR A 130 9.43 3.80 -15.61
N LEU A 131 8.83 2.69 -15.20
CA LEU A 131 9.13 2.11 -13.89
C LEU A 131 10.43 1.32 -13.88
N ASN A 132 11.04 1.24 -12.69
CA ASN A 132 12.19 0.39 -12.45
C ASN A 132 12.21 -0.02 -10.98
N ASN A 133 13.28 -0.65 -10.53
CA ASN A 133 13.40 -1.08 -9.14
C ASN A 133 14.31 -0.20 -8.28
N SER A 134 14.64 0.99 -8.76
CA SER A 134 15.48 1.91 -8.00
C SER A 134 14.64 2.72 -7.02
N ASN A 135 15.31 3.38 -6.09
CA ASN A 135 14.62 4.25 -5.14
C ASN A 135 14.27 5.62 -5.73
N TYR A 136 14.68 5.87 -6.96
CA TYR A 136 14.44 7.17 -7.59
C TYR A 136 12.96 7.39 -7.96
N ILE A 137 12.18 6.32 -8.00
CA ILE A 137 10.74 6.46 -8.25
C ILE A 137 9.95 6.16 -6.99
N LYS A 138 10.62 6.17 -5.85
CA LYS A 138 9.94 5.91 -4.58
C LYS A 138 10.01 7.13 -3.68
N PHE A 139 8.88 7.46 -3.06
CA PHE A 139 8.79 8.67 -2.26
C PHE A 139 8.16 8.42 -0.90
N ILE A 140 8.59 9.20 0.09
CA ILE A 140 8.07 9.11 1.44
C ILE A 140 7.04 10.21 1.67
N ILE A 141 5.80 9.81 1.85
CA ILE A 141 4.70 10.74 2.08
C ILE A 141 4.36 10.72 3.56
N GLU A 142 4.49 11.87 4.20
CA GLU A 142 4.34 11.93 5.64
C GLU A 142 3.55 13.14 6.10
N ASP A 143 2.70 12.94 7.09
CA ASP A 143 1.98 14.03 7.75
C ASP A 143 2.98 15.11 8.14
N TYR A 144 2.67 16.35 7.77
CA TYR A 144 3.65 17.44 7.86
C TYR A 144 4.09 17.73 9.30
N ILE A 145 3.19 17.52 10.25
CA ILE A 145 3.54 17.68 11.67
C ILE A 145 4.61 16.66 12.06
N ILE A 146 4.36 15.40 11.75
CA ILE A 146 5.33 14.34 12.04
C ILE A 146 6.65 14.63 11.33
N SER A 147 6.56 14.98 10.06
CA SER A 147 7.74 15.30 9.26
C SER A 147 8.58 16.42 9.90
N ASP A 148 7.90 17.49 10.31
CA ASP A 148 8.58 18.63 10.94
C ASP A 148 9.17 18.29 12.33
N LEU A 149 8.43 17.49 13.10
CA LEU A 149 8.82 17.24 14.50
C LEU A 149 9.77 16.05 14.68
N ASN A 150 9.71 15.08 13.77
CA ASN A 150 10.54 13.88 13.90
C ASN A 150 12.02 14.20 13.77
N ASN A 151 12.78 13.85 14.81
CA ASN A 151 14.21 14.13 14.90
C ASN A 151 14.55 15.61 14.98
N PHE A 152 13.59 16.40 15.45
CA PHE A 152 13.76 17.84 15.61
C PHE A 152 14.28 18.17 17.01
N THR A 153 15.40 18.88 17.07
CA THR A 153 15.94 19.36 18.34
C THR A 153 15.39 20.75 18.64
N CYS A 154 14.72 20.88 19.78
CA CYS A 154 13.94 22.07 20.05
C CYS A 154 14.08 22.56 21.48
N LYS A 155 13.51 23.73 21.74
CA LYS A 155 13.24 24.17 23.10
C LYS A 155 11.73 24.32 23.22
N ILE A 156 11.21 24.08 24.40
CA ILE A 156 9.76 24.12 24.61
C ILE A 156 9.37 25.22 25.60
N SER A 157 8.52 26.14 25.15
CA SER A 157 8.14 27.28 25.98
C SER A 157 6.64 27.37 26.18
N PRO A 158 6.20 27.75 27.39
CA PRO A 158 4.78 28.06 27.59
C PRO A 158 4.44 29.34 26.85
N ILE A 159 3.23 29.47 26.34
CA ILE A 159 2.84 30.70 25.66
C ILE A 159 2.62 31.84 26.65
N LEU A 160 2.56 31.51 27.94
CA LEU A 160 2.40 32.52 28.98
C LEU A 160 3.69 33.32 29.15
N ASP A 161 4.80 32.71 28.77
CA ASP A 161 6.07 33.42 28.66
C ASP A 161 7.06 32.66 27.79
N LEU A 162 7.33 33.21 26.61
CA LEU A 162 8.22 32.59 25.65
C LEU A 162 9.70 32.82 25.97
N ASN A 163 9.96 33.51 27.07
CA ASN A 163 11.33 33.71 27.54
C ASN A 163 11.78 32.58 28.45
N LYS A 164 10.85 31.72 28.84
CA LYS A 164 11.13 30.60 29.72
C LYS A 164 10.99 29.29 28.96
N VAL A 165 11.67 28.25 29.43
CA VAL A 165 11.61 26.95 28.77
C VAL A 165 11.40 25.80 29.75
N VAL A 166 10.85 24.71 29.24
CA VAL A 166 10.75 23.47 29.99
C VAL A 166 12.12 22.83 30.02
N GLN A 167 12.61 22.54 31.22
CA GLN A 167 13.97 22.02 31.36
C GLN A 167 14.12 20.91 32.40
N GLN A 168 15.07 20.02 32.14
CA GLN A 168 15.54 19.11 33.16
C GLN A 168 16.52 19.89 34.03
N VAL A 169 16.39 19.78 35.35
CA VAL A 169 17.19 20.57 36.28
C VAL A 169 18.69 20.46 35.99
N ASP A 170 19.22 19.25 36.00
CA ASP A 170 20.58 18.98 35.52
C ASP A 170 20.75 17.49 35.23
N VAL A 171 21.99 17.08 34.99
CA VAL A 171 22.27 15.71 34.54
C VAL A 171 21.87 14.64 35.56
N THR A 172 22.00 14.95 36.85
CA THR A 172 21.65 14.02 37.91
C THR A 172 20.26 14.28 38.48
N ASN A 173 19.86 15.55 38.49
CA ASN A 173 18.51 15.92 38.94
C ASN A 173 17.53 15.85 37.78
N LEU A 174 16.72 14.79 37.77
CA LEU A 174 15.87 14.49 36.63
C LEU A 174 14.54 15.23 36.64
N ASN A 175 14.31 16.05 37.66
CA ASN A 175 13.09 16.85 37.74
C ASN A 175 12.92 17.79 36.56
N VAL A 176 11.68 18.16 36.28
CA VAL A 176 11.38 19.04 35.16
C VAL A 176 10.65 20.30 35.63
N ASN A 177 11.26 21.45 35.37
CA ASN A 177 10.64 22.72 35.76
C ASN A 177 10.78 23.82 34.71
N LEU A 178 10.19 24.97 34.99
CA LEU A 178 10.24 26.11 34.09
C LEU A 178 11.42 26.99 34.46
N TYR A 179 12.19 27.41 33.47
CA TYR A 179 13.32 28.29 33.73
C TYR A 179 13.67 29.19 32.55
N THR A 180 14.30 30.31 32.86
CA THR A 180 14.77 31.24 31.84
C THR A 180 15.75 30.55 30.90
N TRP A 181 15.53 30.75 29.60
CA TRP A 181 16.36 30.13 28.57
C TRP A 181 17.81 30.59 28.69
N ASP A 182 18.74 29.63 28.76
CA ASP A 182 20.17 29.94 28.87
C ASP A 182 21.03 29.13 27.89
N TYR A 183 20.39 28.55 26.88
CA TYR A 183 21.07 27.80 25.83
C TYR A 183 21.75 26.51 26.33
N GLY A 184 21.36 26.05 27.51
CA GLY A 184 21.90 24.82 28.06
C GLY A 184 21.29 23.58 27.43
N ARG A 185 22.07 22.51 27.35
CA ARG A 185 21.61 21.27 26.75
C ARG A 185 20.45 20.65 27.52
N ASN A 186 20.41 20.90 28.83
CA ASN A 186 19.31 20.45 29.66
C ASN A 186 17.99 21.17 29.32
N GLN A 187 18.10 22.24 28.54
CA GLN A 187 16.93 23.00 28.12
C GLN A 187 16.51 22.66 26.70
N LYS A 188 17.19 21.71 26.08
CA LYS A 188 16.88 21.29 24.72
C LYS A 188 16.46 19.83 24.63
N TRP A 189 15.48 19.57 23.76
CA TRP A 189 14.90 18.25 23.63
C TRP A 189 14.88 17.82 22.18
N THR A 190 15.20 16.55 21.94
CA THR A 190 15.09 15.98 20.61
C THR A 190 13.86 15.09 20.52
N ILE A 191 12.92 15.50 19.67
CA ILE A 191 11.66 14.78 19.51
C ILE A 191 11.83 13.62 18.54
N ARG A 192 11.31 12.46 18.92
CA ARG A 192 11.34 11.28 18.05
C ARG A 192 9.97 10.65 17.97
N TYR A 193 9.52 10.35 16.75
CA TYR A 193 8.22 9.73 16.54
C TYR A 193 8.33 8.21 16.51
N ASN A 194 7.48 7.54 17.29
CA ASN A 194 7.42 6.09 17.27
C ASN A 194 6.33 5.60 16.32
N GLU A 195 6.75 4.93 15.25
CA GLU A 195 5.83 4.47 14.20
C GLU A 195 4.79 3.52 14.74
N GLU A 196 5.23 2.53 15.52
CA GLU A 196 4.34 1.52 16.08
C GLU A 196 3.29 2.14 16.99
N LYS A 197 3.74 2.91 17.96
CA LYS A 197 2.86 3.48 18.98
C LYS A 197 2.10 4.71 18.50
N ALA A 198 2.49 5.23 17.34
CA ALA A 198 1.92 6.47 16.80
C ALA A 198 1.96 7.57 17.85
N ALA A 199 3.12 7.75 18.47
CA ALA A 199 3.30 8.75 19.51
C ALA A 199 4.76 9.19 19.56
N TYR A 200 5.04 10.23 20.33
CA TYR A 200 6.37 10.82 20.35
C TYR A 200 7.08 10.62 21.68
N GLN A 201 8.41 10.77 21.65
CA GLN A 201 9.22 10.83 22.86
C GLN A 201 10.10 12.07 22.82
N PHE A 202 10.24 12.71 23.98
CA PHE A 202 11.08 13.90 24.11
C PHE A 202 12.39 13.54 24.79
N PHE A 203 13.47 13.44 24.02
CA PHE A 203 14.78 13.12 24.59
C PHE A 203 15.51 14.40 24.99
N ASN A 204 15.74 14.57 26.29
CA ASN A 204 16.55 15.69 26.75
C ASN A 204 17.99 15.54 26.29
N THR A 205 18.57 16.61 25.76
CA THR A 205 19.88 16.50 25.09
C THR A 205 21.07 16.48 26.06
N ILE A 206 20.81 16.58 27.36
CA ILE A 206 21.88 16.46 28.34
C ILE A 206 22.14 14.99 28.65
N LEU A 207 21.15 14.16 28.32
CA LEU A 207 21.25 12.72 28.50
C LEU A 207 21.15 12.02 27.15
N SER A 208 21.42 10.72 27.12
CA SER A 208 21.33 9.95 25.89
C SER A 208 19.97 9.23 25.78
N ASN A 209 19.57 8.57 26.85
CA ASN A 209 18.31 7.84 26.87
C ASN A 209 17.31 8.36 27.89
N GLY A 210 17.28 9.67 28.09
CA GLY A 210 16.36 10.27 29.03
C GLY A 210 15.17 10.94 28.36
N VAL A 211 13.97 10.49 28.70
CA VAL A 211 12.75 11.01 28.06
C VAL A 211 11.77 11.62 29.05
N LEU A 212 11.00 12.60 28.57
CA LEU A 212 9.94 13.21 29.36
C LEU A 212 8.88 12.16 29.69
N THR A 213 8.58 12.01 30.98
CA THR A 213 7.73 10.92 31.44
C THR A 213 6.74 11.37 32.52
N TRP A 214 5.49 10.94 32.38
CA TRP A 214 4.50 11.12 33.44
C TRP A 214 4.68 10.05 34.51
N ILE A 215 5.15 10.47 35.68
CA ILE A 215 5.29 9.56 36.81
C ILE A 215 3.93 9.34 37.46
N PHE A 216 3.13 8.48 36.84
CA PHE A 216 1.73 8.30 37.23
C PHE A 216 1.56 7.67 38.60
N SER A 217 2.62 7.06 39.12
CA SER A 217 2.58 6.49 40.47
C SER A 217 2.76 7.59 41.52
N ASN A 218 3.02 8.81 41.04
CA ASN A 218 3.15 9.96 41.91
C ASN A 218 2.28 11.11 41.42
N GLY A 219 0.97 10.87 41.38
CA GLY A 219 0.01 11.88 40.98
C GLY A 219 0.23 12.45 39.58
N ASN A 220 0.45 13.75 39.51
CA ASN A 220 0.57 14.45 38.23
C ASN A 220 2.01 14.82 37.88
N THR A 221 2.95 14.32 38.68
CA THR A 221 4.36 14.63 38.51
C THR A 221 4.91 14.11 37.18
N VAL A 222 5.65 14.96 36.47
CA VAL A 222 6.42 14.50 35.33
C VAL A 222 7.92 14.71 35.56
N ARG A 223 8.71 13.71 35.15
CA ARG A 223 10.15 13.77 35.28
C ARG A 223 10.80 13.11 34.07
N VAL A 224 12.10 13.26 33.95
CA VAL A 224 12.86 12.54 32.92
C VAL A 224 13.27 11.17 33.47
N SER A 225 13.03 10.12 32.69
CA SER A 225 13.47 8.78 33.05
C SER A 225 14.05 8.07 31.83
N SER A 226 14.69 6.93 32.06
CA SER A 226 15.34 6.19 30.99
C SER A 226 14.34 5.64 29.97
N SER A 227 14.73 5.64 28.70
CA SER A 227 13.85 5.14 27.64
C SER A 227 14.03 3.64 27.43
N ASN A 228 14.90 3.02 28.23
CA ASN A 228 15.06 1.58 28.17
C ASN A 228 14.05 0.85 29.06
N ASP A 229 13.12 1.63 29.61
CA ASP A 229 11.85 1.09 30.09
C ASP A 229 10.96 1.05 28.86
N GLN A 230 10.82 -0.14 28.27
CA GLN A 230 10.28 -0.28 26.92
C GLN A 230 8.78 -0.02 26.78
N ASN A 231 7.97 -0.73 27.55
CA ASN A 231 6.51 -0.64 27.41
C ASN A 231 5.84 0.24 28.45
N ASN A 232 6.22 1.50 28.49
CA ASN A 232 5.55 2.48 29.33
C ASN A 232 4.96 3.58 28.46
N ASP A 233 3.65 3.53 28.26
CA ASP A 233 2.96 4.53 27.45
C ASP A 233 3.10 5.94 28.03
N ALA A 234 3.39 6.00 29.32
CA ALA A 234 3.58 7.28 30.02
C ALA A 234 4.83 8.00 29.54
N GLN A 235 5.67 7.31 28.77
CA GLN A 235 6.86 7.91 28.19
C GLN A 235 6.54 8.56 26.85
N TYR A 236 5.34 8.32 26.36
CA TYR A 236 4.98 8.77 25.02
C TYR A 236 3.91 9.84 25.03
N TRP A 237 3.91 10.68 24.01
CA TRP A 237 3.03 11.85 23.97
C TRP A 237 2.42 12.08 22.60
N LEU A 238 1.20 12.63 22.59
CA LEU A 238 0.58 13.08 21.36
C LEU A 238 0.77 14.58 21.26
N ILE A 239 1.25 15.05 20.10
CA ILE A 239 1.51 16.47 19.91
C ILE A 239 0.54 17.06 18.90
N ASN A 240 -0.42 17.84 19.39
CA ASN A 240 -1.48 18.36 18.54
C ASN A 240 -1.37 19.86 18.34
N PRO A 241 -1.34 20.29 17.06
CA PRO A 241 -1.21 21.71 16.75
C PRO A 241 -2.46 22.50 17.14
N VAL A 242 -2.25 23.71 17.66
CA VAL A 242 -3.35 24.63 17.90
C VAL A 242 -3.62 25.39 16.60
N SER A 243 -4.90 25.56 16.26
CA SER A 243 -5.29 26.26 15.03
C SER A 243 -4.72 27.67 14.96
N ASP A 244 -4.58 28.17 13.72
CA ASP A 244 -4.08 29.51 13.44
C ASP A 244 -2.61 29.75 13.77
N THR A 245 -1.95 28.77 14.37
CA THR A 245 -0.57 28.94 14.83
C THR A 245 0.41 28.01 14.13
N ASP A 246 1.66 28.47 14.02
CA ASP A 246 2.71 27.70 13.38
C ASP A 246 3.55 26.88 14.36
N GLU A 247 3.60 27.31 15.62
CA GLU A 247 4.50 26.69 16.58
C GLU A 247 3.84 26.26 17.89
N THR A 248 2.53 26.40 17.99
CA THR A 248 1.85 26.11 19.25
C THR A 248 1.20 24.72 19.26
N TYR A 249 1.42 23.99 20.35
CA TYR A 249 0.90 22.64 20.47
C TYR A 249 0.34 22.36 21.86
N THR A 250 -0.61 21.44 21.92
CA THR A 250 -1.00 20.80 23.17
C THR A 250 -0.30 19.46 23.20
N ILE A 251 0.12 19.02 24.38
CA ILE A 251 0.89 17.79 24.52
C ILE A 251 0.23 16.85 25.52
N THR A 252 -0.37 15.78 25.01
CA THR A 252 -1.09 14.84 25.85
C THR A 252 -0.37 13.50 25.99
N ASN A 253 -0.54 12.85 27.14
CA ASN A 253 0.16 11.61 27.43
C ASN A 253 -0.53 10.40 26.83
N LEU A 254 0.27 9.44 26.36
CA LEU A 254 -0.27 8.26 25.68
C LEU A 254 -1.03 7.32 26.63
N ARG A 255 -0.59 7.26 27.88
CA ARG A 255 -1.22 6.41 28.89
C ARG A 255 -2.66 6.82 29.12
N ASP A 256 -2.86 8.13 29.24
CA ASP A 256 -4.19 8.70 29.39
C ASP A 256 -4.20 10.02 28.62
N THR A 257 -4.88 10.04 27.48
CA THR A 257 -4.89 11.20 26.60
C THR A 257 -5.66 12.39 27.17
N THR A 258 -6.32 12.19 28.31
CA THR A 258 -6.99 13.28 28.99
C THR A 258 -5.98 14.06 29.84
N LYS A 259 -4.79 13.51 29.94
CA LYS A 259 -3.71 14.15 30.69
C LYS A 259 -2.81 14.96 29.77
N ALA A 260 -2.84 16.28 29.94
CA ALA A 260 -2.05 17.17 29.10
C ALA A 260 -0.88 17.76 29.87
N LEU A 261 0.21 18.06 29.16
CA LEU A 261 1.35 18.73 29.76
C LEU A 261 0.89 20.10 30.28
N ASP A 262 1.21 20.38 31.54
CA ASP A 262 0.57 21.48 32.25
C ASP A 262 1.56 22.34 33.03
N LEU A 263 1.48 23.65 32.84
CA LEU A 263 2.27 24.59 33.63
C LEU A 263 1.54 24.87 34.94
N TYR A 264 2.14 24.48 36.05
CA TYR A 264 1.51 24.53 37.36
C TYR A 264 0.92 25.90 37.71
N GLY A 265 -0.40 25.96 37.81
CA GLY A 265 -1.11 27.17 38.20
C GLY A 265 -1.04 28.30 37.19
N GLY A 266 -0.38 28.05 36.08
CA GLY A 266 -0.12 29.10 35.10
C GLY A 266 0.93 30.06 35.61
N GLN A 267 1.63 29.65 36.66
CA GLN A 267 2.68 30.46 37.25
C GLN A 267 3.92 30.45 36.35
N THR A 268 4.61 31.58 36.29
CA THR A 268 5.65 31.80 35.30
C THR A 268 7.03 31.97 35.95
N ALA A 269 7.05 32.04 37.28
CA ALA A 269 8.30 32.17 38.03
C ALA A 269 9.28 31.04 37.72
N ASN A 270 10.55 31.31 37.93
CA ASN A 270 11.60 30.30 37.80
C ASN A 270 11.39 29.19 38.82
N GLY A 271 11.48 27.94 38.35
CA GLY A 271 11.34 26.79 39.23
C GLY A 271 9.91 26.26 39.30
N THR A 272 9.00 26.93 38.61
CA THR A 272 7.60 26.48 38.55
C THR A 272 7.52 25.06 37.98
N ALA A 273 6.73 24.22 38.64
CA ALA A 273 6.64 22.81 38.26
C ALA A 273 5.97 22.58 36.90
N ILE A 274 6.53 21.64 36.14
CA ILE A 274 5.88 21.15 34.93
C ILE A 274 5.24 19.81 35.26
N GLN A 275 3.96 19.68 34.96
CA GLN A 275 3.21 18.50 35.36
C GLN A 275 2.24 18.09 34.26
N VAL A 276 1.40 17.11 34.56
CA VAL A 276 0.25 16.81 33.73
C VAL A 276 -1.00 17.21 34.49
N PHE A 277 -2.10 17.40 33.77
CA PHE A 277 -3.36 17.79 34.39
C PHE A 277 -4.47 17.48 33.41
N ASN A 278 -5.70 17.39 33.91
CA ASN A 278 -6.86 17.16 33.06
C ASN A 278 -6.97 18.24 32.00
N TYR A 279 -7.10 17.82 30.74
CA TYR A 279 -7.09 18.75 29.61
C TYR A 279 -8.32 19.65 29.58
N HIS A 280 -8.09 20.96 29.53
CA HIS A 280 -9.17 21.93 29.35
C HIS A 280 -8.84 22.91 28.22
N GLY A 281 -7.58 22.90 27.79
CA GLY A 281 -7.16 23.72 26.68
C GLY A 281 -6.83 25.16 27.03
N ASP A 282 -6.65 25.44 28.32
CA ASP A 282 -6.28 26.78 28.76
C ASP A 282 -4.87 27.13 28.29
N ASP A 283 -4.51 28.40 28.43
CA ASP A 283 -3.20 28.89 27.96
C ASP A 283 -2.01 28.22 28.65
N ASN A 284 -2.22 27.72 29.86
CA ASN A 284 -1.15 27.04 30.60
C ASN A 284 -0.94 25.60 30.16
N GLN A 285 -1.74 25.17 29.17
CA GLN A 285 -1.57 23.84 28.58
C GLN A 285 -1.16 23.94 27.12
N LYS A 286 -0.80 25.14 26.69
CA LYS A 286 -0.34 25.37 25.32
C LYS A 286 1.16 25.66 25.30
N TRP A 287 1.88 24.99 24.40
CA TRP A 287 3.33 25.07 24.36
C TRP A 287 3.86 25.42 22.98
N ASN A 288 4.90 26.26 22.95
CA ASN A 288 5.59 26.57 21.71
C ASN A 288 6.87 25.73 21.53
N ILE A 289 6.85 24.86 20.53
CA ILE A 289 8.01 24.05 20.22
C ILE A 289 8.82 24.76 19.13
N ARG A 290 10.02 25.20 19.49
CA ARG A 290 10.74 26.12 18.63
C ARG A 290 12.19 25.71 18.36
N ASN A 291 12.70 26.16 17.22
CA ASN A 291 14.12 26.09 16.92
C ASN A 291 14.92 26.83 17.98
N PRO A 292 15.93 26.15 18.55
CA PRO A 292 16.87 26.89 19.41
C PRO A 292 17.66 27.90 18.57
N PRO A 293 17.64 29.18 18.98
CA PRO A 293 18.33 30.23 18.23
C PRO A 293 19.84 30.03 18.22
N VAL B 4 14.40 1.13 -55.43
CA VAL B 4 15.19 2.36 -55.37
C VAL B 4 15.09 3.00 -53.98
N GLU B 5 16.19 3.58 -53.52
CA GLU B 5 16.25 4.14 -52.18
C GLU B 5 15.51 5.47 -52.05
N ARG B 6 14.63 5.53 -51.04
CA ARG B 6 13.80 6.70 -50.82
C ARG B 6 14.14 7.38 -49.50
N THR B 7 15.05 6.78 -48.74
CA THR B 7 15.28 7.20 -47.36
C THR B 7 16.66 6.81 -46.82
N PHE B 8 16.82 6.92 -45.50
CA PHE B 8 18.10 6.68 -44.85
C PHE B 8 18.33 5.21 -44.52
N LEU B 9 17.30 4.40 -44.73
CA LEU B 9 17.34 2.99 -44.34
C LEU B 9 16.83 2.10 -45.47
N PRO B 10 17.75 1.51 -46.24
CA PRO B 10 17.42 0.72 -47.44
C PRO B 10 16.57 -0.52 -47.14
N ASN B 11 15.72 -0.88 -48.09
CA ASN B 11 14.89 -2.08 -47.97
C ASN B 11 15.74 -3.34 -47.92
N GLY B 12 15.31 -4.31 -47.13
CA GLY B 12 16.01 -5.58 -47.09
C GLY B 12 15.90 -6.33 -45.78
N ASN B 13 16.69 -7.40 -45.68
CA ASN B 13 16.69 -8.25 -44.49
C ASN B 13 17.72 -7.79 -43.46
N TYR B 14 17.29 -7.71 -42.21
CA TYR B 14 18.14 -7.24 -41.13
C TYR B 14 18.09 -8.19 -39.94
N ASN B 15 19.13 -8.13 -39.12
CA ASN B 15 19.06 -8.64 -37.76
C ASN B 15 18.78 -7.45 -36.86
N ILE B 16 18.02 -7.66 -35.80
CA ILE B 16 17.70 -6.58 -34.87
C ILE B 16 18.26 -6.85 -33.49
N LYS B 17 19.08 -5.92 -33.00
CA LYS B 17 19.74 -6.09 -31.71
C LYS B 17 19.48 -4.90 -30.79
N SER B 18 19.55 -5.16 -29.50
CA SER B 18 19.60 -4.09 -28.51
C SER B 18 21.05 -3.64 -28.35
N ILE B 19 21.25 -2.38 -27.98
CA ILE B 19 22.59 -1.86 -27.74
C ILE B 19 23.21 -2.48 -26.49
N PHE B 20 22.38 -3.13 -25.68
CA PHE B 20 22.85 -3.78 -24.46
C PHE B 20 23.63 -5.05 -24.76
N SER B 21 23.41 -5.62 -25.94
CA SER B 21 24.03 -6.91 -26.29
C SER B 21 24.22 -7.11 -27.79
N GLY B 22 25.46 -7.42 -28.18
CA GLY B 22 25.77 -7.69 -29.58
C GLY B 22 25.67 -9.15 -29.95
N SER B 23 25.17 -9.97 -29.02
CA SER B 23 25.06 -11.40 -29.25
C SER B 23 23.63 -11.90 -29.07
N LEU B 24 22.71 -11.00 -28.78
CA LEU B 24 21.30 -11.36 -28.65
C LEU B 24 20.48 -10.82 -29.82
N TYR B 25 19.55 -11.63 -30.32
CA TYR B 25 18.86 -11.33 -31.56
C TYR B 25 17.35 -11.36 -31.39
N LEU B 26 16.68 -10.37 -31.98
CA LEU B 26 15.22 -10.30 -31.91
C LEU B 26 14.55 -11.45 -32.67
N ASN B 27 13.74 -12.22 -31.96
CA ASN B 27 12.88 -13.23 -32.56
C ASN B 27 11.57 -13.38 -31.78
N PRO B 28 10.53 -13.95 -32.42
CA PRO B 28 9.32 -14.24 -31.65
C PRO B 28 9.49 -15.46 -30.75
N VAL B 29 8.96 -15.36 -29.55
CA VAL B 29 8.82 -16.51 -28.66
C VAL B 29 7.39 -16.48 -28.14
N SER B 30 6.61 -17.50 -28.49
CA SER B 30 5.17 -17.48 -28.30
C SER B 30 4.59 -16.24 -28.97
N LYS B 31 3.79 -15.46 -28.25
CA LYS B 31 3.21 -14.25 -28.83
C LYS B 31 4.02 -13.00 -28.48
N SER B 32 5.17 -13.19 -27.84
CA SER B 32 6.02 -12.06 -27.47
C SER B 32 7.28 -11.97 -28.33
N LEU B 33 7.94 -10.83 -28.27
CA LEU B 33 9.19 -10.61 -28.97
C LEU B 33 10.30 -10.48 -27.95
N THR B 34 11.44 -11.11 -28.21
CA THR B 34 12.55 -11.06 -27.27
C THR B 34 13.88 -11.20 -27.99
N PHE B 35 14.97 -10.98 -27.25
CA PHE B 35 16.32 -11.11 -27.81
C PHE B 35 16.97 -12.39 -27.31
N SER B 36 17.30 -13.27 -28.24
CA SER B 36 17.81 -14.60 -27.91
C SER B 36 19.15 -14.88 -28.57
N ASN B 37 19.77 -15.99 -28.18
CA ASN B 37 21.03 -16.42 -28.78
C ASN B 37 20.91 -16.62 -30.28
N GLU B 38 21.99 -16.33 -30.99
CA GLU B 38 22.05 -16.49 -32.44
C GLU B 38 21.62 -17.88 -32.88
N SER B 39 20.64 -17.94 -33.78
CA SER B 39 20.12 -19.23 -34.24
C SER B 39 20.39 -19.45 -35.72
N SER B 40 20.73 -18.37 -36.42
CA SER B 40 20.95 -18.38 -37.86
C SER B 40 19.70 -18.79 -38.65
N ALA B 41 18.56 -18.81 -37.97
CA ALA B 41 17.29 -19.19 -38.59
C ALA B 41 16.57 -17.98 -39.17
N ASN B 42 15.50 -18.24 -39.92
CA ASN B 42 14.72 -17.17 -40.54
C ASN B 42 13.94 -16.31 -39.54
N ASN B 43 13.65 -16.88 -38.36
CA ASN B 43 12.87 -16.16 -37.36
C ASN B 43 13.64 -15.03 -36.69
N GLN B 44 14.94 -14.96 -36.97
CA GLN B 44 15.76 -13.85 -36.50
C GLN B 44 16.10 -12.91 -37.65
N LYS B 45 15.43 -13.09 -38.78
CA LYS B 45 15.62 -12.23 -39.94
C LYS B 45 14.38 -11.37 -40.18
N TRP B 46 14.59 -10.08 -40.39
CA TRP B 46 13.48 -9.14 -40.53
C TRP B 46 13.52 -8.35 -41.82
N ASN B 47 12.44 -8.41 -42.57
CA ASN B 47 12.32 -7.70 -43.85
C ASN B 47 11.80 -6.28 -43.63
N VAL B 48 12.63 -5.29 -43.90
CA VAL B 48 12.26 -3.90 -43.73
C VAL B 48 11.84 -3.27 -45.05
N GLU B 49 10.62 -2.76 -45.10
CA GLU B 49 10.09 -2.15 -46.32
C GLU B 49 9.64 -0.71 -46.08
N TYR B 50 10.13 0.20 -46.90
CA TYR B 50 9.72 1.59 -46.80
C TYR B 50 8.36 1.80 -47.44
N MET B 51 7.51 2.57 -46.79
CA MET B 51 6.20 2.92 -47.34
C MET B 51 6.19 4.39 -47.72
N ALA B 52 6.13 4.66 -49.02
CA ALA B 52 6.23 6.01 -49.55
C ALA B 52 5.12 6.94 -49.07
N GLU B 53 3.89 6.43 -49.04
CA GLU B 53 2.73 7.27 -48.76
C GLU B 53 2.75 7.89 -47.35
N ASN B 54 3.26 7.14 -46.38
CA ASN B 54 3.29 7.62 -45.00
C ASN B 54 4.70 7.82 -44.48
N ARG B 55 5.69 7.58 -45.33
CA ARG B 55 7.11 7.78 -45.00
C ARG B 55 7.53 6.95 -43.79
N CYS B 56 6.94 5.78 -43.63
CA CYS B 56 7.30 4.88 -42.53
C CYS B 56 7.85 3.56 -43.03
N PHE B 57 8.03 2.63 -42.11
CA PHE B 57 8.53 1.31 -42.44
C PHE B 57 7.63 0.22 -41.86
N LYS B 58 7.42 -0.84 -42.62
CA LYS B 58 6.80 -2.04 -42.07
C LYS B 58 7.84 -3.15 -42.04
N ILE B 59 7.86 -3.90 -40.94
CA ILE B 59 8.90 -4.89 -40.70
C ILE B 59 8.32 -6.27 -40.45
N SER B 60 8.57 -7.19 -41.37
CA SER B 60 7.99 -8.51 -41.30
C SER B 60 9.05 -9.56 -40.98
N ASN B 61 8.63 -10.65 -40.35
CA ASN B 61 9.52 -11.76 -40.04
C ASN B 61 9.71 -12.64 -41.27
N VAL B 62 10.95 -12.97 -41.59
CA VAL B 62 11.24 -13.76 -42.79
C VAL B 62 10.62 -15.16 -42.74
N ALA B 63 10.56 -15.75 -41.55
CA ALA B 63 9.93 -17.05 -41.39
C ALA B 63 8.41 -16.97 -41.51
N GLU B 64 7.84 -15.84 -41.12
CA GLU B 64 6.40 -15.61 -41.25
C GLU B 64 6.15 -14.30 -41.98
N PRO B 65 6.32 -14.30 -43.31
CA PRO B 65 6.37 -13.10 -44.15
C PRO B 65 5.08 -12.29 -44.15
N ASN B 66 3.97 -12.87 -43.71
CA ASN B 66 2.72 -12.15 -43.63
C ASN B 66 2.41 -11.63 -42.21
N LYS B 67 3.39 -11.81 -41.32
CA LYS B 67 3.29 -11.27 -39.97
C LYS B 67 4.25 -10.10 -39.81
N TYR B 68 3.75 -8.98 -39.27
CA TYR B 68 4.57 -7.79 -39.09
C TYR B 68 4.69 -7.40 -37.62
N LEU B 69 5.78 -6.75 -37.27
CA LEU B 69 5.92 -6.16 -35.95
C LEU B 69 4.80 -5.14 -35.72
N SER B 70 4.07 -5.32 -34.63
CA SER B 70 2.94 -4.47 -34.30
C SER B 70 2.95 -4.27 -32.78
N TYR B 71 1.83 -3.83 -32.21
CA TYR B 71 1.69 -3.80 -30.75
C TYR B 71 0.26 -4.15 -30.32
N ASP B 72 0.12 -4.68 -29.10
CA ASP B 72 -1.19 -5.05 -28.60
C ASP B 72 -1.74 -4.00 -27.64
N ASN B 73 -2.89 -4.28 -27.05
CA ASN B 73 -3.50 -3.34 -26.11
C ASN B 73 -3.00 -3.55 -24.68
N PHE B 74 -1.84 -4.18 -24.55
CA PHE B 74 -1.30 -4.50 -23.23
C PHE B 74 0.15 -4.01 -23.07
N GLY B 75 0.63 -3.27 -24.07
CA GLY B 75 1.95 -2.66 -24.02
C GLY B 75 3.06 -3.48 -24.63
N PHE B 76 2.72 -4.66 -25.17
CA PHE B 76 3.69 -5.55 -25.78
C PHE B 76 3.84 -5.28 -27.28
N ILE B 77 5.05 -5.41 -27.79
CA ILE B 77 5.27 -5.51 -29.22
C ILE B 77 4.81 -6.90 -29.66
N SER B 78 4.13 -6.98 -30.80
CA SER B 78 3.57 -8.25 -31.26
C SER B 78 3.92 -8.54 -32.71
N LEU B 79 3.49 -9.71 -33.17
CA LEU B 79 3.61 -10.13 -34.56
C LEU B 79 2.21 -10.41 -35.09
N ASP B 80 1.68 -9.50 -35.90
CA ASP B 80 0.30 -9.63 -36.35
C ASP B 80 0.17 -9.35 -37.85
N SER B 81 -1.03 -9.52 -38.37
CA SER B 81 -1.30 -9.16 -39.76
C SER B 81 -1.23 -7.64 -39.95
N LEU B 82 -1.26 -7.20 -41.20
CA LEU B 82 -1.06 -5.79 -41.51
C LEU B 82 -2.17 -4.88 -40.99
N SER B 83 -1.75 -3.82 -40.31
CA SER B 83 -2.65 -2.80 -39.80
C SER B 83 -1.83 -1.54 -39.54
N ASN B 84 -2.49 -0.43 -39.22
CA ASN B 84 -1.77 0.83 -39.00
C ASN B 84 -0.82 0.79 -37.80
N ARG B 85 -0.94 -0.26 -36.99
CA ARG B 85 -0.05 -0.45 -35.84
C ARG B 85 1.30 -1.04 -36.28
N CYS B 86 1.42 -1.38 -37.55
CA CYS B 86 2.63 -2.00 -38.08
C CYS B 86 3.58 -0.98 -38.72
N TYR B 87 3.21 0.29 -38.64
CA TYR B 87 4.00 1.35 -39.27
C TYR B 87 4.97 1.97 -38.26
N TRP B 88 6.25 1.97 -38.60
CA TRP B 88 7.27 2.43 -37.66
C TRP B 88 8.08 3.61 -38.19
N PHE B 89 8.33 4.57 -37.30
CA PHE B 89 9.05 5.78 -37.63
C PHE B 89 10.40 5.78 -36.89
N PRO B 90 11.47 5.42 -37.60
CA PRO B 90 12.79 5.32 -36.97
C PRO B 90 13.46 6.68 -36.83
N ILE B 91 14.28 6.82 -35.79
CA ILE B 91 15.12 7.99 -35.63
C ILE B 91 16.56 7.50 -35.56
N LYS B 92 17.32 7.77 -36.62
CA LYS B 92 18.70 7.34 -36.68
C LYS B 92 19.57 8.21 -35.78
N ILE B 93 20.17 7.59 -34.77
CA ILE B 93 20.97 8.33 -33.81
C ILE B 93 22.45 7.96 -33.88
N ALA B 94 22.76 6.94 -34.67
CA ALA B 94 24.14 6.50 -34.89
C ALA B 94 24.22 5.67 -36.17
N VAL B 95 25.38 5.06 -36.40
CA VAL B 95 25.68 4.33 -37.66
C VAL B 95 24.55 3.44 -38.15
N ASN B 96 24.08 2.55 -37.29
CA ASN B 96 22.84 1.82 -37.53
C ASN B 96 22.11 1.57 -36.23
N THR B 97 22.13 2.58 -35.37
CA THR B 97 21.37 2.60 -34.13
C THR B 97 20.14 3.48 -34.33
N TYR B 98 18.97 2.93 -33.98
CA TYR B 98 17.73 3.64 -34.19
C TYR B 98 16.84 3.61 -32.97
N ILE B 99 15.99 4.62 -32.86
CA ILE B 99 14.85 4.59 -31.97
C ILE B 99 13.65 4.36 -32.85
N MET B 100 12.81 3.39 -32.47
CA MET B 100 11.68 3.02 -33.31
C MET B 100 10.37 3.53 -32.72
N LEU B 101 9.87 4.63 -33.28
CA LEU B 101 8.61 5.19 -32.82
C LEU B 101 7.45 4.57 -33.59
N SER B 102 6.34 4.33 -32.90
CA SER B 102 5.10 4.04 -33.59
C SER B 102 4.75 5.27 -34.41
N LEU B 103 4.19 5.06 -35.60
CA LEU B 103 3.78 6.19 -36.44
C LEU B 103 2.67 6.97 -35.73
N ASN B 104 1.69 6.24 -35.23
CA ASN B 104 0.59 6.83 -34.50
C ASN B 104 1.04 7.37 -33.17
N LYS B 105 0.48 8.50 -32.77
CA LYS B 105 0.62 8.95 -31.40
C LYS B 105 -0.18 7.98 -30.54
N VAL B 106 0.46 7.44 -29.50
CA VAL B 106 -0.24 6.58 -28.58
C VAL B 106 -0.45 7.33 -27.28
N ASN B 107 -1.70 7.40 -26.83
CA ASN B 107 -2.06 8.20 -25.66
C ASN B 107 -1.53 9.62 -25.81
N GLU B 108 -1.77 10.19 -26.99
CA GLU B 108 -1.21 11.48 -27.43
C GLU B 108 0.25 11.72 -27.03
N LEU B 109 1.07 10.68 -27.12
CA LEU B 109 2.51 10.77 -26.90
C LEU B 109 3.25 9.99 -27.98
N ASP B 110 4.54 10.26 -28.12
CA ASP B 110 5.41 9.38 -28.90
C ASP B 110 5.66 8.12 -28.08
N TYR B 111 5.43 6.97 -28.71
CA TYR B 111 5.72 5.68 -28.08
C TYR B 111 6.78 4.94 -28.89
N ALA B 112 7.60 4.15 -28.22
CA ALA B 112 8.73 3.50 -28.89
C ALA B 112 9.02 2.11 -28.35
N TRP B 113 9.72 1.31 -29.15
CA TRP B 113 10.22 0.03 -28.70
C TRP B 113 11.04 0.27 -27.45
N ASP B 114 10.85 -0.56 -26.43
CA ASP B 114 11.56 -0.41 -25.18
C ASP B 114 11.88 -1.79 -24.62
N ILE B 115 13.16 -2.03 -24.35
CA ILE B 115 13.56 -3.27 -23.73
C ILE B 115 14.12 -2.99 -22.33
N TYR B 116 13.55 -3.65 -21.33
CA TYR B 116 13.97 -3.41 -19.95
C TYR B 116 15.28 -4.13 -19.67
N ASP B 117 16.14 -3.50 -18.86
CA ASP B 117 17.43 -4.08 -18.54
C ASP B 117 17.66 -4.14 -17.04
N THR B 118 18.33 -5.19 -16.58
CA THR B 118 18.76 -5.30 -15.20
C THR B 118 20.28 -5.34 -15.19
N ASN B 119 20.89 -4.18 -14.99
CA ASN B 119 22.33 -4.01 -15.14
C ASN B 119 22.81 -4.44 -16.52
N GLU B 120 22.11 -3.94 -17.55
CA GLU B 120 22.43 -4.21 -18.95
C GLU B 120 22.18 -5.65 -19.38
N ASN B 121 21.40 -6.38 -18.59
CA ASN B 121 21.00 -7.73 -18.94
C ASN B 121 19.54 -7.73 -19.39
N ILE B 122 19.29 -8.22 -20.61
CA ILE B 122 17.94 -8.20 -21.17
C ILE B 122 17.39 -9.60 -21.44
N LEU B 123 18.10 -10.63 -20.96
CA LEU B 123 17.67 -12.01 -21.17
C LEU B 123 16.25 -12.24 -20.66
N SER B 124 15.44 -12.83 -21.52
CA SER B 124 14.05 -13.20 -21.20
C SER B 124 13.09 -12.00 -21.10
N GLN B 125 13.57 -10.80 -21.38
CA GLN B 125 12.71 -9.62 -21.38
C GLN B 125 11.91 -9.50 -22.68
N PRO B 126 10.62 -9.19 -22.57
CA PRO B 126 9.80 -8.94 -23.77
C PRO B 126 10.02 -7.50 -24.25
N LEU B 127 9.92 -7.29 -25.56
CA LEU B 127 10.00 -5.96 -26.12
C LEU B 127 8.67 -5.27 -25.91
N LEU B 128 8.71 -4.09 -25.29
CA LEU B 128 7.49 -3.35 -24.99
C LEU B 128 7.35 -2.07 -25.79
N LEU B 129 6.17 -1.45 -25.73
CA LEU B 129 5.96 -0.15 -26.36
C LEU B 129 5.69 0.87 -25.27
N LEU B 130 6.68 1.71 -25.00
CA LEU B 130 6.63 2.67 -23.90
C LEU B 130 6.89 4.09 -24.39
N PRO B 131 6.47 5.10 -23.60
CA PRO B 131 6.62 6.51 -24.03
C PRO B 131 8.06 6.89 -24.36
N ASN B 132 8.22 7.76 -25.36
CA ASN B 132 9.52 8.30 -25.72
C ASN B 132 9.54 9.82 -25.53
N PHE B 133 10.62 10.33 -24.95
CA PHE B 133 10.74 11.76 -24.68
C PHE B 133 11.94 12.40 -25.37
N ASP B 134 12.92 11.58 -25.75
CA ASP B 134 14.15 12.07 -26.35
C ASP B 134 14.95 10.96 -27.00
N ILE B 135 16.20 11.26 -27.35
CA ILE B 135 17.05 10.27 -28.02
C ILE B 135 18.14 9.73 -27.10
N TYR B 136 17.92 9.78 -25.80
CA TYR B 136 18.97 9.39 -24.85
C TYR B 136 18.63 8.16 -24.00
N ASN B 137 17.46 7.56 -24.24
CA ASN B 137 17.05 6.37 -23.51
C ASN B 137 17.71 5.12 -24.08
N SER B 138 18.69 4.58 -23.37
CA SER B 138 19.41 3.37 -23.79
C SER B 138 18.48 2.19 -24.05
N ASN B 139 17.38 2.11 -23.30
CA ASN B 139 16.42 1.02 -23.42
C ASN B 139 15.57 1.10 -24.68
N GLN B 140 15.76 2.17 -25.45
CA GLN B 140 14.98 2.39 -26.66
C GLN B 140 15.89 2.48 -27.89
N MET B 141 17.17 2.15 -27.69
CA MET B 141 18.15 2.17 -28.77
C MET B 141 18.36 0.77 -29.32
N PHE B 142 18.18 0.62 -30.62
CA PHE B 142 18.32 -0.69 -31.25
C PHE B 142 19.18 -0.64 -32.51
N LYS B 143 19.87 -1.73 -32.77
CA LYS B 143 20.72 -1.83 -33.95
C LYS B 143 20.06 -2.66 -35.04
N LEU B 144 20.02 -2.10 -36.25
CA LEU B 144 19.55 -2.82 -37.42
C LEU B 144 20.75 -3.17 -38.28
N GLU B 145 21.09 -4.45 -38.36
CA GLU B 145 22.25 -4.88 -39.12
C GLU B 145 21.85 -5.65 -40.37
N LYS B 146 22.21 -5.10 -41.53
CA LYS B 146 21.87 -5.66 -42.82
C LYS B 146 22.46 -7.05 -42.99
N ILE B 147 21.58 -8.06 -43.00
CA ILE B 147 21.99 -9.45 -43.18
C ILE B 147 20.80 -10.33 -43.56
N SER C 9 4.54 -6.36 7.17
CA SER C 9 3.20 -6.50 7.73
C SER C 9 2.39 -7.55 6.99
N LEU C 10 2.76 -7.82 5.74
CA LEU C 10 2.11 -8.85 4.94
C LEU C 10 2.95 -10.13 4.91
N ASN C 11 4.18 -10.04 5.41
CA ASN C 11 5.09 -11.17 5.41
C ASN C 11 4.51 -12.35 6.17
N ASP C 12 4.59 -13.53 5.55
CA ASP C 12 4.05 -14.78 6.09
C ASP C 12 2.54 -14.80 6.26
N LYS C 13 1.86 -13.78 5.77
CA LYS C 13 0.40 -13.77 5.83
C LYS C 13 -0.17 -14.68 4.75
N ILE C 14 -1.13 -15.51 5.13
CA ILE C 14 -1.83 -16.37 4.19
C ILE C 14 -3.08 -15.63 3.75
N VAL C 15 -3.21 -15.43 2.44
CA VAL C 15 -4.27 -14.59 1.91
C VAL C 15 -4.96 -15.23 0.72
N THR C 16 -6.14 -14.71 0.39
CA THR C 16 -6.76 -14.98 -0.90
C THR C 16 -6.60 -13.73 -1.74
N ILE C 17 -6.54 -13.91 -3.06
CA ILE C 17 -6.42 -12.79 -3.98
C ILE C 17 -7.56 -12.86 -4.97
N SER C 18 -8.41 -11.83 -5.00
CA SER C 18 -9.55 -11.81 -5.91
C SER C 18 -9.50 -10.59 -6.82
N CYS C 19 -10.31 -10.59 -7.87
CA CYS C 19 -10.25 -9.56 -8.90
C CYS C 19 -11.19 -8.39 -8.62
N LYS C 20 -10.66 -7.17 -8.75
CA LYS C 20 -11.49 -5.98 -8.61
C LYS C 20 -12.51 -5.93 -9.75
N ALA C 21 -12.11 -6.44 -10.92
CA ALA C 21 -13.01 -6.47 -12.07
C ALA C 21 -14.13 -7.51 -11.92
N ASP C 22 -13.91 -8.50 -11.05
CA ASP C 22 -14.92 -9.50 -10.71
C ASP C 22 -14.60 -10.10 -9.36
N THR C 23 -15.26 -9.59 -8.32
CA THR C 23 -14.94 -9.99 -6.95
C THR C 23 -15.32 -11.43 -6.63
N ASN C 24 -16.00 -12.09 -7.57
CA ASN C 24 -16.36 -13.50 -7.41
C ASN C 24 -15.30 -14.44 -7.96
N LEU C 25 -14.22 -13.88 -8.49
CA LEU C 25 -13.14 -14.68 -9.07
C LEU C 25 -11.86 -14.56 -8.25
N PHE C 26 -11.30 -15.72 -7.89
CA PHE C 26 -10.13 -15.80 -7.02
C PHE C 26 -8.96 -16.47 -7.72
N PHE C 27 -7.74 -16.12 -7.33
CA PHE C 27 -6.55 -16.81 -7.82
C PHE C 27 -6.61 -18.29 -7.40
N TYR C 28 -6.54 -19.17 -8.38
CA TYR C 28 -6.78 -20.59 -8.16
C TYR C 28 -5.60 -21.40 -8.70
N GLN C 29 -5.13 -22.36 -7.90
CA GLN C 29 -3.93 -23.12 -8.25
C GLN C 29 -4.17 -24.62 -8.24
N VAL C 30 -3.77 -25.29 -9.32
CA VAL C 30 -3.74 -26.75 -9.36
C VAL C 30 -2.71 -27.27 -10.36
N ALA C 31 -1.78 -28.08 -9.85
CA ALA C 31 -0.75 -28.73 -10.66
C ALA C 31 0.04 -27.78 -11.55
N GLY C 32 0.32 -26.57 -11.05
CA GLY C 32 1.15 -25.63 -11.77
C GLY C 32 0.37 -24.67 -12.66
N ASN C 33 -0.94 -24.87 -12.73
CA ASN C 33 -1.79 -24.00 -13.53
C ASN C 33 -2.52 -22.99 -12.65
N VAL C 34 -2.37 -21.72 -13.00
CA VAL C 34 -3.06 -20.65 -12.29
C VAL C 34 -4.26 -20.19 -13.11
N SER C 35 -5.42 -20.16 -12.49
CA SER C 35 -6.62 -19.69 -13.16
C SER C 35 -7.45 -18.82 -12.22
N LEU C 36 -8.56 -18.30 -12.73
CA LEU C 36 -9.48 -17.51 -11.94
C LEU C 36 -10.75 -18.33 -11.74
N PHE C 37 -11.09 -18.59 -10.48
CA PHE C 37 -12.18 -19.50 -10.17
C PHE C 37 -13.02 -18.95 -9.01
N GLN C 38 -14.27 -19.41 -8.93
CA GLN C 38 -15.17 -18.97 -7.88
C GLN C 38 -14.64 -19.34 -6.50
N GLN C 39 -15.19 -18.72 -5.46
CA GLN C 39 -14.75 -18.94 -4.09
C GLN C 39 -14.87 -20.41 -3.67
N THR C 40 -13.76 -21.01 -3.25
CA THR C 40 -13.77 -22.39 -2.79
C THR C 40 -13.64 -22.52 -1.28
N ARG C 41 -13.18 -21.45 -0.64
CA ARG C 41 -12.88 -21.45 0.80
C ARG C 41 -11.94 -22.59 1.22
N ASN C 42 -10.93 -22.86 0.39
CA ASN C 42 -9.93 -23.87 0.73
C ASN C 42 -8.52 -23.52 0.28
N TYR C 43 -7.59 -24.45 0.49
CA TYR C 43 -6.17 -24.22 0.22
C TYR C 43 -5.84 -23.92 -1.25
N LEU C 44 -6.74 -24.32 -2.15
CA LEU C 44 -6.52 -24.12 -3.59
C LEU C 44 -6.44 -22.64 -3.96
N GLU C 45 -7.03 -21.79 -3.11
CA GLU C 45 -7.08 -20.37 -3.36
C GLU C 45 -6.38 -19.57 -2.26
N ARG C 46 -5.50 -20.24 -1.52
CA ARG C 46 -4.74 -19.60 -0.46
C ARG C 46 -3.28 -19.43 -0.83
N TRP C 47 -2.72 -18.29 -0.48
CA TRP C 47 -1.35 -17.95 -0.86
C TRP C 47 -0.61 -17.32 0.30
N ARG C 48 0.63 -17.74 0.51
CA ARG C 48 1.48 -17.12 1.51
C ARG C 48 2.38 -16.06 0.89
N LEU C 49 2.31 -14.85 1.42
CA LEU C 49 3.16 -13.76 0.96
C LEU C 49 4.50 -13.81 1.67
N ILE C 50 5.57 -14.00 0.92
CA ILE C 50 6.91 -14.12 1.50
C ILE C 50 7.78 -12.94 1.11
N TYR C 51 8.11 -12.12 2.11
CA TYR C 51 8.80 -10.86 1.87
C TYR C 51 10.32 -11.01 1.80
N ASP C 52 10.92 -10.42 0.77
CA ASP C 52 12.37 -10.28 0.71
C ASP C 52 12.72 -8.80 0.88
N SER C 53 13.34 -8.48 2.01
CA SER C 53 13.57 -7.09 2.38
C SER C 53 14.58 -6.39 1.47
N ASN C 54 15.58 -7.12 1.01
CA ASN C 54 16.58 -6.57 0.09
C ASN C 54 15.96 -6.17 -1.24
N LYS C 55 15.01 -6.98 -1.72
CA LYS C 55 14.36 -6.71 -2.98
C LYS C 55 13.16 -5.78 -2.83
N ALA C 56 12.66 -5.68 -1.60
CA ALA C 56 11.40 -4.98 -1.32
C ALA C 56 10.27 -5.56 -2.18
N ALA C 57 10.27 -6.88 -2.32
CA ALA C 57 9.27 -7.58 -3.12
C ALA C 57 8.83 -8.88 -2.46
N TYR C 58 7.78 -9.49 -2.99
CA TYR C 58 7.17 -10.67 -2.38
C TYR C 58 7.14 -11.87 -3.32
N LYS C 59 7.35 -13.05 -2.75
CA LYS C 59 6.99 -14.27 -3.44
C LYS C 59 5.55 -14.59 -3.07
N ILE C 60 4.79 -15.12 -4.02
CA ILE C 60 3.40 -15.48 -3.75
C ILE C 60 3.26 -17.00 -3.84
N LYS C 61 3.26 -17.66 -2.68
CA LYS C 61 3.42 -19.11 -2.61
C LYS C 61 2.12 -19.85 -2.34
N SER C 62 1.86 -20.89 -3.13
CA SER C 62 0.64 -21.67 -3.00
C SER C 62 0.59 -22.50 -1.72
N MET C 63 -0.57 -22.50 -1.06
CA MET C 63 -0.76 -23.31 0.14
C MET C 63 -1.27 -24.70 -0.23
N ASP C 64 -0.96 -25.13 -1.45
CA ASP C 64 -1.31 -26.46 -1.92
C ASP C 64 -0.72 -27.51 -0.99
N ILE C 65 -1.49 -28.54 -0.69
CA ILE C 65 -1.06 -29.57 0.26
C ILE C 65 -0.20 -30.65 -0.39
N HIS C 66 -0.41 -30.88 -1.69
CA HIS C 66 0.35 -31.89 -2.43
C HIS C 66 1.70 -31.32 -2.84
N ASN C 67 1.69 -30.26 -3.65
CA ASN C 67 2.91 -29.59 -4.07
C ASN C 67 3.14 -28.35 -3.21
N THR C 68 4.10 -28.44 -2.30
CA THR C 68 4.24 -27.42 -1.26
C THR C 68 5.27 -26.33 -1.56
N ASN C 69 5.83 -26.32 -2.76
CA ASN C 69 6.85 -25.33 -3.08
C ASN C 69 6.59 -24.56 -4.37
N LEU C 70 5.32 -24.27 -4.63
CA LEU C 70 4.95 -23.59 -5.87
C LEU C 70 4.70 -22.11 -5.63
N VAL C 71 5.34 -21.27 -6.46
CA VAL C 71 5.17 -19.82 -6.37
C VAL C 71 4.72 -19.22 -7.69
N LEU C 72 3.99 -18.10 -7.61
CA LEU C 72 3.50 -17.42 -8.79
C LEU C 72 4.68 -16.95 -9.65
N THR C 73 4.73 -17.46 -10.88
CA THR C 73 5.87 -17.24 -11.76
C THR C 73 5.44 -16.61 -13.08
N TRP C 74 6.16 -15.56 -13.50
CA TRP C 74 6.01 -14.99 -14.82
C TRP C 74 6.89 -15.74 -15.81
N ASN C 75 6.26 -16.39 -16.79
CA ASN C 75 6.99 -17.14 -17.79
C ASN C 75 7.61 -16.24 -18.85
N ALA C 76 8.44 -15.30 -18.40
CA ALA C 76 9.13 -14.37 -19.30
C ALA C 76 9.88 -15.13 -20.39
N PRO C 77 9.81 -14.60 -21.63
CA PRO C 77 9.22 -13.31 -22.00
C PRO C 77 7.74 -13.39 -22.41
N THR C 78 7.10 -14.53 -22.20
CA THR C 78 5.73 -14.69 -22.68
C THR C 78 4.74 -13.90 -21.83
N HIS C 79 3.49 -13.88 -22.26
CA HIS C 79 2.41 -13.24 -21.50
C HIS C 79 1.84 -14.16 -20.41
N ASN C 80 2.45 -15.34 -20.21
CA ASN C 80 1.86 -16.35 -19.33
C ASN C 80 2.32 -16.34 -17.86
N ILE C 81 1.22 -16.55 -17.00
CA ILE C 81 1.53 -16.69 -15.58
C ILE C 81 1.20 -18.10 -15.12
N SER C 82 2.09 -18.71 -14.35
CA SER C 82 1.87 -20.04 -13.81
C SER C 82 2.48 -20.14 -12.42
N THR C 83 2.39 -21.33 -11.82
CA THR C 83 3.09 -21.59 -10.57
C THR C 83 4.21 -22.59 -10.81
N GLN C 84 5.43 -22.18 -10.53
CA GLN C 84 6.59 -23.05 -10.74
C GLN C 84 7.30 -23.30 -9.42
N GLN C 85 8.21 -24.26 -9.42
CA GLN C 85 9.02 -24.57 -8.24
C GLN C 85 9.82 -23.34 -7.82
N ASP C 86 9.78 -23.04 -6.52
CA ASP C 86 10.49 -21.88 -5.98
C ASP C 86 12.00 -22.04 -6.14
N SER C 87 12.58 -21.20 -7.00
CA SER C 87 14.03 -21.16 -7.16
C SER C 87 14.52 -19.75 -6.82
N ASN C 88 13.67 -19.00 -6.12
CA ASN C 88 13.99 -17.64 -5.71
C ASN C 88 14.43 -16.74 -6.85
N ALA C 89 13.85 -16.96 -8.03
CA ALA C 89 14.23 -16.21 -9.22
C ALA C 89 13.47 -14.88 -9.31
N ASP C 90 14.01 -13.95 -10.10
CA ASP C 90 13.43 -12.62 -10.23
C ASP C 90 12.03 -12.65 -10.82
N ASN C 91 11.75 -13.63 -11.68
CA ASN C 91 10.42 -13.75 -12.27
C ASN C 91 9.43 -14.39 -11.30
N GLN C 92 9.86 -14.58 -10.06
CA GLN C 92 9.01 -15.14 -9.02
C GLN C 92 8.79 -14.14 -7.88
N TYR C 93 9.27 -12.91 -8.08
CA TYR C 93 9.07 -11.85 -7.12
C TYR C 93 8.13 -10.77 -7.66
N TRP C 94 7.35 -10.18 -6.77
CA TRP C 94 6.30 -9.24 -7.15
C TRP C 94 6.24 -8.05 -6.21
N LEU C 95 6.05 -6.86 -6.78
CA LEU C 95 5.83 -5.66 -5.98
C LEU C 95 4.36 -5.57 -5.65
N LEU C 96 4.03 -5.44 -4.37
CA LEU C 96 2.65 -5.30 -3.95
C LEU C 96 2.36 -3.82 -3.69
N LEU C 97 1.78 -3.17 -4.69
CA LEU C 97 1.50 -1.75 -4.60
C LEU C 97 0.05 -1.51 -4.26
N LYS C 98 -0.20 -0.98 -3.06
CA LYS C 98 -1.56 -0.71 -2.62
C LYS C 98 -2.06 0.64 -3.12
N ASP C 99 -3.10 0.62 -3.93
CA ASP C 99 -3.72 1.85 -4.41
C ASP C 99 -4.57 2.46 -3.31
N ILE C 100 -4.00 3.42 -2.58
CA ILE C 100 -4.68 4.01 -1.43
C ILE C 100 -5.97 4.74 -1.82
N GLY C 101 -7.00 4.59 -0.99
CA GLY C 101 -8.30 5.18 -1.24
C GLY C 101 -9.15 4.26 -2.08
N ASN C 102 -8.52 3.25 -2.68
CA ASN C 102 -9.21 2.31 -3.54
C ASN C 102 -9.27 0.92 -2.94
N ASN C 103 -8.45 0.70 -1.91
CA ASN C 103 -8.40 -0.57 -1.20
C ASN C 103 -8.16 -1.78 -2.12
N SER C 104 -7.33 -1.56 -3.14
CA SER C 104 -6.97 -2.63 -4.07
C SER C 104 -5.46 -2.63 -4.30
N PHE C 105 -4.96 -3.69 -4.91
CA PHE C 105 -3.54 -3.84 -5.15
C PHE C 105 -3.20 -3.95 -6.63
N ILE C 106 -2.11 -3.30 -7.02
CA ILE C 106 -1.49 -3.56 -8.30
C ILE C 106 -0.31 -4.47 -8.01
N ILE C 107 -0.18 -5.53 -8.80
CA ILE C 107 0.87 -6.52 -8.56
C ILE C 107 1.87 -6.52 -9.71
N ALA C 108 2.99 -5.83 -9.50
CA ALA C 108 3.98 -5.61 -10.55
C ALA C 108 5.13 -6.61 -10.49
N SER C 109 5.58 -7.07 -11.65
CA SER C 109 6.69 -8.03 -11.67
C SER C 109 8.00 -7.38 -11.23
N TYR C 110 8.73 -8.05 -10.35
CA TYR C 110 10.04 -7.56 -9.95
C TYR C 110 11.03 -7.64 -11.11
N LYS C 111 10.80 -8.60 -12.01
CA LYS C 111 11.68 -8.83 -13.16
C LYS C 111 11.53 -7.68 -14.15
N ASN C 112 10.32 -7.13 -14.21
CA ASN C 112 10.02 -5.99 -15.08
C ASN C 112 8.85 -5.21 -14.53
N PRO C 113 9.14 -4.20 -13.70
CA PRO C 113 8.16 -3.37 -13.00
C PRO C 113 7.19 -2.64 -13.93
N ASN C 114 7.52 -2.57 -15.22
CA ASN C 114 6.59 -2.01 -16.20
C ASN C 114 5.39 -2.91 -16.39
N LEU C 115 5.54 -4.18 -16.04
CA LEU C 115 4.50 -5.17 -16.27
C LEU C 115 3.82 -5.59 -14.97
N VAL C 116 2.49 -5.59 -14.99
CA VAL C 116 1.71 -5.95 -13.83
C VAL C 116 0.69 -7.02 -14.19
N LEU C 117 0.18 -7.72 -13.18
CA LEU C 117 -0.81 -8.77 -13.42
C LEU C 117 -2.08 -8.18 -13.99
N TYR C 118 -2.62 -8.86 -14.99
CA TYR C 118 -3.85 -8.46 -15.64
C TYR C 118 -4.83 -9.63 -15.55
N ALA C 119 -6.04 -9.36 -15.10
CA ALA C 119 -7.04 -10.41 -14.94
C ALA C 119 -7.87 -10.59 -16.20
N ASP C 120 -7.66 -11.69 -16.90
CA ASP C 120 -8.49 -12.03 -18.06
C ASP C 120 -9.70 -12.80 -17.57
N THR C 121 -10.77 -12.07 -17.25
CA THR C 121 -11.95 -12.66 -16.63
C THR C 121 -12.75 -13.55 -17.57
N VAL C 122 -12.63 -13.29 -18.87
CA VAL C 122 -13.39 -14.08 -19.83
C VAL C 122 -12.67 -15.40 -20.14
N ALA C 123 -11.34 -15.37 -20.10
CA ALA C 123 -10.54 -16.57 -20.28
C ALA C 123 -10.24 -17.23 -18.95
N ARG C 124 -10.61 -16.54 -17.87
CA ARG C 124 -10.46 -17.05 -16.51
C ARG C 124 -9.00 -17.39 -16.16
N ASN C 125 -8.07 -16.59 -16.67
CA ASN C 125 -6.67 -16.73 -16.28
C ASN C 125 -5.95 -15.39 -16.13
N LEU C 126 -4.66 -15.46 -15.80
CA LEU C 126 -3.86 -14.25 -15.61
C LEU C 126 -2.88 -14.00 -16.75
N LYS C 127 -2.58 -12.74 -16.98
CA LYS C 127 -1.51 -12.35 -17.90
C LYS C 127 -0.87 -11.04 -17.44
N LEU C 128 -0.22 -10.34 -18.37
CA LEU C 128 0.55 -9.15 -17.99
C LEU C 128 0.16 -7.92 -18.81
N SER C 129 0.43 -6.74 -18.24
CA SER C 129 0.08 -5.50 -18.90
C SER C 129 0.87 -4.35 -18.30
N THR C 130 1.15 -3.35 -19.12
CA THR C 130 1.65 -2.09 -18.61
C THR C 130 0.52 -1.41 -17.84
N LEU C 131 0.87 -0.43 -17.01
CA LEU C 131 -0.10 0.19 -16.12
C LEU C 131 -1.14 1.02 -16.83
N ASN C 132 -2.37 0.96 -16.33
CA ASN C 132 -3.48 1.75 -16.84
C ASN C 132 -4.49 1.95 -15.71
N ASN C 133 -5.65 2.51 -16.01
CA ASN C 133 -6.65 2.78 -14.97
C ASN C 133 -7.80 1.77 -14.92
N SER C 134 -7.63 0.62 -15.58
CA SER C 134 -8.69 -0.38 -15.62
C SER C 134 -8.68 -1.22 -14.36
N ASN C 135 -9.83 -1.75 -13.99
CA ASN C 135 -9.95 -2.62 -12.83
C ASN C 135 -9.33 -4.00 -13.03
N TYR C 136 -8.96 -4.31 -14.28
CA TYR C 136 -8.43 -5.62 -14.61
C TYR C 136 -7.02 -5.84 -14.06
N ILE C 137 -6.35 -4.76 -13.69
CA ILE C 137 -5.04 -4.89 -13.05
C ILE C 137 -5.08 -4.61 -11.55
N LYS C 138 -6.29 -4.45 -11.02
CA LYS C 138 -6.46 -4.24 -9.59
C LYS C 138 -6.96 -5.50 -8.90
N PHE C 139 -6.39 -5.80 -7.74
CA PHE C 139 -6.70 -7.04 -7.03
C PHE C 139 -6.96 -6.80 -5.55
N ILE C 140 -7.83 -7.63 -4.99
CA ILE C 140 -8.17 -7.56 -3.58
C ILE C 140 -7.45 -8.65 -2.79
N ILE C 141 -6.47 -8.23 -2.00
CA ILE C 141 -5.69 -9.16 -1.18
C ILE C 141 -6.23 -9.15 0.23
N GLU C 142 -6.67 -10.31 0.70
CA GLU C 142 -7.38 -10.39 1.97
C GLU C 142 -6.96 -11.62 2.77
N ASP C 143 -6.76 -11.42 4.07
CA ASP C 143 -6.50 -12.52 5.00
C ASP C 143 -7.55 -13.60 4.79
N TYR C 144 -7.10 -14.85 4.65
CA TYR C 144 -7.98 -15.93 4.20
C TYR C 144 -9.17 -16.19 5.13
N ILE C 145 -8.97 -16.01 6.43
CA ILE C 145 -10.05 -16.19 7.40
C ILE C 145 -11.19 -15.20 7.13
N ILE C 146 -10.82 -13.94 6.99
CA ILE C 146 -11.78 -12.89 6.65
C ILE C 146 -12.44 -13.18 5.32
N SER C 147 -11.63 -13.58 4.35
CA SER C 147 -12.12 -13.92 3.01
C SER C 147 -13.17 -15.03 3.05
N ASP C 148 -12.92 -16.04 3.87
CA ASP C 148 -13.84 -17.17 3.98
C ASP C 148 -15.12 -16.82 4.73
N LEU C 149 -14.99 -16.07 5.82
CA LEU C 149 -16.10 -15.84 6.72
C LEU C 149 -16.99 -14.64 6.36
N ASN C 150 -16.42 -13.65 5.69
CA ASN C 150 -17.19 -12.45 5.33
C ASN C 150 -18.35 -12.80 4.39
N ASN C 151 -19.55 -12.39 4.78
CA ASN C 151 -20.77 -12.70 4.02
C ASN C 151 -21.06 -14.20 3.90
N PHE C 152 -20.46 -14.97 4.80
CA PHE C 152 -20.71 -16.40 4.83
C PHE C 152 -21.88 -16.70 5.77
N THR C 153 -22.89 -17.36 5.24
CA THR C 153 -24.03 -17.78 6.05
C THR C 153 -23.76 -19.17 6.59
N CYS C 154 -23.79 -19.32 7.90
CA CYS C 154 -23.29 -20.55 8.52
C CYS C 154 -24.20 -21.07 9.62
N LYS C 155 -23.89 -22.27 10.08
CA LYS C 155 -24.43 -22.77 11.33
C LYS C 155 -23.25 -22.96 12.28
N ILE C 156 -23.48 -22.74 13.57
CA ILE C 156 -22.41 -22.78 14.55
C ILE C 156 -22.64 -23.89 15.58
N SER C 157 -21.80 -24.92 15.52
CA SER C 157 -21.90 -26.04 16.44
C SER C 157 -20.76 -26.04 17.46
N PRO C 158 -21.06 -26.49 18.68
CA PRO C 158 -19.97 -26.75 19.65
C PRO C 158 -19.30 -28.07 19.27
N ILE C 159 -18.01 -28.19 19.51
CA ILE C 159 -17.29 -29.41 19.14
C ILE C 159 -17.70 -30.58 20.03
N LEU C 160 -18.28 -30.25 21.19
CA LEU C 160 -18.78 -31.25 22.12
C LEU C 160 -19.94 -32.06 21.52
N ASP C 161 -20.62 -31.47 20.54
CA ASP C 161 -21.65 -32.18 19.77
C ASP C 161 -21.99 -31.41 18.49
N LEU C 162 -21.58 -31.96 17.36
CA LEU C 162 -21.77 -31.30 16.07
C LEU C 162 -23.17 -31.55 15.51
N ASN C 163 -24.02 -32.16 16.32
CA ASN C 163 -25.41 -32.39 15.92
C ASN C 163 -26.31 -31.28 16.43
N LYS C 164 -25.77 -30.43 17.30
CA LYS C 164 -26.51 -29.29 17.83
C LYS C 164 -25.92 -27.99 17.31
N VAL C 165 -26.69 -26.92 17.40
CA VAL C 165 -26.24 -25.62 16.91
C VAL C 165 -26.64 -24.48 17.85
N VAL C 166 -25.91 -23.38 17.73
CA VAL C 166 -26.25 -22.15 18.42
C VAL C 166 -27.42 -21.49 17.68
N GLN C 167 -28.48 -21.17 18.41
CA GLN C 167 -29.67 -20.63 17.78
C GLN C 167 -30.32 -19.50 18.57
N GLN C 168 -31.05 -18.64 17.85
CA GLN C 168 -32.00 -17.73 18.46
C GLN C 168 -33.29 -18.53 18.60
N VAL C 169 -33.96 -18.42 19.75
CA VAL C 169 -35.15 -19.22 20.04
C VAL C 169 -36.22 -19.10 18.95
N ASP C 170 -36.73 -17.89 18.74
CA ASP C 170 -37.60 -17.61 17.60
C ASP C 170 -37.55 -16.13 17.24
N VAL C 171 -38.46 -15.73 16.34
CA VAL C 171 -38.46 -14.37 15.80
C VAL C 171 -38.71 -13.31 16.87
N THR C 172 -39.48 -13.67 17.90
CA THR C 172 -39.78 -12.73 18.98
C THR C 172 -38.93 -12.99 20.22
N ASN C 173 -38.66 -14.26 20.50
CA ASN C 173 -37.79 -14.64 21.61
C ASN C 173 -36.33 -14.52 21.19
N LEU C 174 -35.64 -13.51 21.72
CA LEU C 174 -34.30 -13.17 21.26
C LEU C 174 -33.19 -13.85 22.05
N ASN C 175 -33.56 -14.72 22.98
CA ASN C 175 -32.57 -15.51 23.72
C ASN C 175 -31.81 -16.46 22.81
N VAL C 176 -30.60 -16.82 23.24
CA VAL C 176 -29.74 -17.69 22.44
C VAL C 176 -29.34 -18.94 23.23
N ASN C 177 -29.70 -20.10 22.70
CA ASN C 177 -29.39 -21.36 23.37
C ASN C 177 -28.91 -22.44 22.40
N LEU C 178 -28.59 -23.60 22.94
CA LEU C 178 -28.16 -24.74 22.14
C LEU C 178 -29.36 -25.63 21.79
N TYR C 179 -29.45 -26.05 20.54
CA TYR C 179 -30.55 -26.93 20.14
C TYR C 179 -30.16 -27.80 18.95
N THR C 180 -30.88 -28.90 18.76
CA THR C 180 -30.65 -29.79 17.63
C THR C 180 -30.87 -29.05 16.32
N TRP C 181 -30.07 -29.40 15.31
CA TRP C 181 -30.16 -28.76 14.00
C TRP C 181 -31.41 -29.19 13.24
N ASP C 182 -32.28 -28.23 12.94
CA ASP C 182 -33.49 -28.51 12.17
C ASP C 182 -33.61 -27.65 10.91
N TYR C 183 -32.51 -27.04 10.51
CA TYR C 183 -32.41 -26.22 9.30
C TYR C 183 -33.22 -24.91 9.38
N GLY C 184 -33.62 -24.53 10.59
CA GLY C 184 -34.36 -23.29 10.77
C GLY C 184 -33.51 -22.05 10.55
N ARG C 185 -34.15 -20.98 10.08
CA ARG C 185 -33.46 -19.73 9.80
C ARG C 185 -32.94 -19.10 11.10
N ASN C 186 -33.59 -19.44 12.21
CA ASN C 186 -33.14 -19.01 13.52
C ASN C 186 -31.86 -19.73 13.93
N GLN C 187 -31.50 -20.77 13.19
CA GLN C 187 -30.31 -21.55 13.48
C GLN C 187 -29.15 -21.21 12.54
N LYS C 188 -29.35 -20.21 11.69
CA LYS C 188 -28.31 -19.80 10.75
C LYS C 188 -27.88 -18.36 10.95
N TRP C 189 -26.58 -18.11 10.75
CA TRP C 189 -26.00 -16.80 10.99
C TRP C 189 -25.19 -16.33 9.79
N THR C 190 -25.42 -15.09 9.37
CA THR C 190 -24.63 -14.49 8.30
C THR C 190 -23.54 -13.62 8.90
N ILE C 191 -22.29 -14.03 8.71
CA ILE C 191 -21.14 -13.32 9.27
C ILE C 191 -20.75 -12.13 8.43
N ARG C 192 -20.57 -10.97 9.06
CA ARG C 192 -20.14 -9.78 8.37
C ARG C 192 -18.93 -9.16 9.04
N TYR C 193 -17.88 -8.91 8.25
CA TYR C 193 -16.66 -8.32 8.78
C TYR C 193 -16.72 -6.81 8.70
N ASN C 194 -16.54 -6.16 9.86
CA ASN C 194 -16.50 -4.70 9.90
C ASN C 194 -15.07 -4.18 9.75
N GLU C 195 -14.80 -3.57 8.61
CA GLU C 195 -13.48 -3.06 8.26
C GLU C 195 -12.95 -2.10 9.32
N GLU C 196 -13.78 -1.12 9.68
CA GLU C 196 -13.40 -0.10 10.65
C GLU C 196 -13.00 -0.71 12.00
N LYS C 197 -13.88 -1.53 12.55
CA LYS C 197 -13.68 -2.07 13.89
C LYS C 197 -12.78 -3.31 13.90
N ALA C 198 -12.45 -3.79 12.70
CA ALA C 198 -11.64 -5.00 12.54
C ALA C 198 -12.20 -6.17 13.34
N ALA C 199 -13.51 -6.37 13.23
CA ALA C 199 -14.19 -7.43 13.97
C ALA C 199 -15.40 -7.94 13.19
N TYR C 200 -16.09 -8.92 13.76
CA TYR C 200 -17.21 -9.55 13.08
C TYR C 200 -18.54 -9.33 13.78
N GLN C 201 -19.62 -9.39 13.00
CA GLN C 201 -20.97 -9.45 13.54
C GLN C 201 -21.67 -10.69 13.00
N PHE C 202 -22.44 -11.36 13.86
CA PHE C 202 -23.23 -12.51 13.43
C PHE C 202 -24.69 -12.09 13.27
N PHE C 203 -25.14 -12.03 12.03
CA PHE C 203 -26.53 -11.68 11.76
C PHE C 203 -27.41 -12.92 11.66
N ASN C 204 -28.32 -13.09 12.62
CA ASN C 204 -29.27 -14.19 12.56
C ASN C 204 -30.21 -13.98 11.37
N THR C 205 -30.48 -15.06 10.64
CA THR C 205 -31.19 -14.93 9.36
C THR C 205 -32.71 -14.87 9.51
N ILE C 206 -33.22 -15.08 10.72
CA ILE C 206 -34.65 -14.96 10.97
C ILE C 206 -35.03 -13.50 11.15
N LEU C 207 -34.03 -12.68 11.44
CA LEU C 207 -34.21 -11.24 11.53
C LEU C 207 -33.38 -10.56 10.44
N SER C 208 -33.59 -9.26 10.27
CA SER C 208 -32.87 -8.51 9.25
C SER C 208 -31.71 -7.71 9.85
N ASN C 209 -31.92 -7.14 11.04
CA ASN C 209 -30.87 -6.38 11.72
C ASN C 209 -30.54 -6.91 13.11
N GLY C 210 -30.72 -8.20 13.31
CA GLY C 210 -30.44 -8.81 14.60
C GLY C 210 -29.06 -9.44 14.65
N VAL C 211 -28.25 -9.01 15.62
CA VAL C 211 -26.89 -9.53 15.75
C VAL C 211 -26.64 -10.17 17.10
N LEU C 212 -25.71 -11.12 17.13
CA LEU C 212 -25.30 -11.76 18.38
C LEU C 212 -24.65 -10.70 19.26
N THR C 213 -25.07 -10.64 20.53
CA THR C 213 -24.63 -9.56 21.42
C THR C 213 -24.45 -10.01 22.86
N TRP C 214 -23.33 -9.63 23.47
CA TRP C 214 -23.12 -9.83 24.89
C TRP C 214 -23.89 -8.79 25.69
N ILE C 215 -24.87 -9.25 26.46
CA ILE C 215 -25.62 -8.38 27.35
C ILE C 215 -24.84 -8.19 28.65
N PHE C 216 -23.86 -7.30 28.61
CA PHE C 216 -22.95 -7.11 29.74
C PHE C 216 -23.65 -6.52 30.96
N SER C 217 -24.76 -5.82 30.74
CA SER C 217 -25.54 -5.27 31.84
C SER C 217 -26.25 -6.39 32.60
N ASN C 218 -26.28 -7.57 32.00
CA ASN C 218 -26.84 -8.75 32.64
C ASN C 218 -25.80 -9.88 32.74
N GLY C 219 -24.63 -9.56 33.30
CA GLY C 219 -23.60 -10.55 33.55
C GLY C 219 -23.01 -11.18 32.30
N ASN C 220 -23.14 -12.51 32.19
CA ASN C 220 -22.54 -13.26 31.10
C ASN C 220 -23.52 -13.61 29.97
N THR C 221 -24.74 -13.11 30.10
CA THR C 221 -25.80 -13.42 29.14
C THR C 221 -25.51 -12.87 27.76
N VAL C 222 -25.72 -13.70 26.73
CA VAL C 222 -25.73 -13.21 25.36
C VAL C 222 -27.10 -13.45 24.71
N ARG C 223 -27.53 -12.46 23.93
CA ARG C 223 -28.80 -12.55 23.21
C ARG C 223 -28.64 -11.84 21.86
N VAL C 224 -29.68 -11.92 21.04
CA VAL C 224 -29.70 -11.19 19.78
C VAL C 224 -30.35 -9.83 20.01
N SER C 225 -29.76 -8.78 19.47
CA SER C 225 -30.34 -7.44 19.56
C SER C 225 -30.12 -6.69 18.24
N SER C 226 -30.85 -5.59 18.07
CA SER C 226 -30.80 -4.84 16.82
C SER C 226 -29.40 -4.28 16.54
N SER C 227 -29.04 -4.22 15.26
CA SER C 227 -27.73 -3.72 14.87
C SER C 227 -27.79 -2.22 14.59
N ASN C 228 -28.94 -1.62 14.83
CA ASN C 228 -29.08 -0.16 14.72
C ASN C 228 -28.72 0.52 16.03
N ASP C 229 -28.31 -0.27 17.01
CA ASP C 229 -27.55 0.23 18.14
C ASP C 229 -26.11 0.29 17.63
N GLN C 230 -25.68 1.49 17.26
CA GLN C 230 -24.46 1.66 16.45
C GLN C 230 -23.16 1.38 17.18
N ASN C 231 -22.90 2.11 18.26
CA ASN C 231 -21.60 2.02 18.94
C ASN C 231 -21.60 1.12 20.17
N ASN C 232 -21.88 -0.16 19.97
CA ASN C 232 -21.75 -1.15 21.03
C ASN C 232 -20.77 -2.23 20.63
N ASP C 233 -19.61 -2.23 21.26
CA ASP C 233 -18.56 -3.21 20.96
C ASP C 233 -18.95 -4.62 21.38
N ALA C 234 -19.99 -4.72 22.19
CA ALA C 234 -20.49 -6.02 22.62
C ALA C 234 -21.19 -6.76 21.47
N GLN C 235 -21.46 -6.02 20.39
CA GLN C 235 -22.09 -6.58 19.19
C GLN C 235 -21.05 -7.10 18.21
N TYR C 236 -19.78 -6.90 18.51
CA TYR C 236 -18.70 -7.31 17.61
C TYR C 236 -17.82 -8.38 18.25
N TRP C 237 -17.27 -9.25 17.40
CA TRP C 237 -16.51 -10.39 17.89
C TRP C 237 -15.21 -10.60 17.11
N LEU C 238 -14.30 -11.34 17.72
CA LEU C 238 -13.07 -11.75 17.05
C LEU C 238 -13.12 -13.26 16.85
N ILE C 239 -13.00 -13.69 15.59
CA ILE C 239 -13.03 -15.11 15.27
C ILE C 239 -11.62 -15.61 14.99
N ASN C 240 -11.11 -16.46 15.87
CA ASN C 240 -9.74 -16.94 15.76
C ASN C 240 -9.70 -18.44 15.53
N PRO C 241 -8.97 -18.87 14.50
CA PRO C 241 -8.91 -20.29 14.14
C PRO C 241 -8.15 -21.13 15.17
N VAL C 242 -8.60 -22.36 15.37
CA VAL C 242 -7.89 -23.32 16.20
C VAL C 242 -6.93 -24.09 15.32
N SER C 243 -5.68 -24.21 15.75
CA SER C 243 -4.64 -24.87 14.98
C SER C 243 -5.02 -26.29 14.56
N ASP C 244 -4.55 -26.69 13.38
CA ASP C 244 -4.77 -28.03 12.83
C ASP C 244 -6.22 -28.30 12.39
N THR C 245 -7.07 -27.28 12.45
CA THR C 245 -8.49 -27.48 12.13
C THR C 245 -8.96 -26.61 10.98
N ASP C 246 -9.89 -27.12 10.18
CA ASP C 246 -10.41 -26.40 9.03
C ASP C 246 -11.65 -25.57 9.35
N GLU C 247 -12.34 -25.90 10.44
CA GLU C 247 -13.61 -25.27 10.73
C GLU C 247 -13.77 -24.83 12.19
N THR C 248 -12.81 -25.16 13.03
CA THR C 248 -12.90 -24.84 14.45
C THR C 248 -12.33 -23.47 14.77
N TYR C 249 -13.05 -22.71 15.60
CA TYR C 249 -12.65 -21.36 15.98
C TYR C 249 -12.95 -21.08 17.45
N THR C 250 -12.33 -20.03 17.98
CA THR C 250 -12.74 -19.45 19.25
C THR C 250 -13.34 -18.09 18.95
N ILE C 251 -14.38 -17.70 19.69
CA ILE C 251 -15.08 -16.45 19.43
C ILE C 251 -15.06 -15.54 20.65
N THR C 252 -14.36 -14.41 20.53
CA THR C 252 -14.18 -13.49 21.65
C THR C 252 -14.81 -12.13 21.38
N ASN C 253 -15.40 -11.53 22.42
CA ASN C 253 -16.13 -10.27 22.30
C ASN C 253 -15.19 -9.07 22.18
N LEU C 254 -15.62 -8.05 21.42
CA LEU C 254 -14.79 -6.88 21.17
C LEU C 254 -14.73 -5.92 22.36
N ARG C 255 -15.79 -5.91 23.17
CA ARG C 255 -15.82 -5.06 24.36
C ARG C 255 -14.77 -5.53 25.35
N ASP C 256 -14.67 -6.84 25.52
CA ASP C 256 -13.69 -7.45 26.40
C ASP C 256 -13.21 -8.73 25.75
N THR C 257 -11.99 -8.70 25.19
CA THR C 257 -11.47 -9.82 24.43
C THR C 257 -11.12 -11.03 25.30
N THR C 258 -11.21 -10.88 26.61
CA THR C 258 -11.02 -12.00 27.52
C THR C 258 -12.33 -12.78 27.63
N LYS C 259 -13.41 -12.19 27.14
CA LYS C 259 -14.72 -12.83 27.16
C LYS C 259 -14.94 -13.64 25.88
N ALA C 260 -15.00 -14.96 26.04
CA ALA C 260 -15.19 -15.86 24.90
C ALA C 260 -16.58 -16.49 24.92
N LEU C 261 -17.11 -16.77 23.72
CA LEU C 261 -18.41 -17.43 23.59
C LEU C 261 -18.34 -18.81 24.22
N ASP C 262 -19.21 -19.04 25.19
CA ASP C 262 -19.10 -20.22 26.04
C ASP C 262 -20.38 -21.03 26.12
N LEU C 263 -20.25 -22.34 25.95
CA LEU C 263 -21.37 -23.26 26.15
C LEU C 263 -21.49 -23.56 27.64
N TYR C 264 -22.62 -23.17 28.22
CA TYR C 264 -22.84 -23.24 29.67
C TYR C 264 -22.55 -24.60 30.29
N GLY C 265 -21.53 -24.65 31.13
CA GLY C 265 -21.17 -25.86 31.85
C GLY C 265 -20.55 -26.95 30.98
N GLY C 266 -20.61 -26.76 29.67
CA GLY C 266 -20.19 -27.80 28.74
C GLY C 266 -21.34 -28.76 28.48
N GLN C 267 -22.52 -28.38 28.97
CA GLN C 267 -23.71 -29.20 28.82
C GLN C 267 -24.22 -29.21 27.38
N THR C 268 -24.76 -30.35 26.96
CA THR C 268 -25.08 -30.61 25.56
C THR C 268 -26.59 -30.75 25.33
N ALA C 269 -27.34 -30.83 26.43
CA ALA C 269 -28.80 -30.97 26.36
C ALA C 269 -29.44 -29.81 25.62
N ASN C 270 -30.60 -30.08 25.01
CA ASN C 270 -31.38 -29.04 24.34
C ASN C 270 -31.79 -27.93 25.30
N GLY C 271 -31.58 -26.69 24.90
CA GLY C 271 -31.96 -25.55 25.72
C GLY C 271 -30.84 -25.05 26.60
N THR C 272 -29.67 -25.69 26.49
CA THR C 272 -28.49 -25.27 27.22
C THR C 272 -28.12 -23.85 26.85
N ALA C 273 -27.83 -23.02 27.84
CA ALA C 273 -27.53 -21.61 27.62
C ALA C 273 -26.25 -21.38 26.82
N ILE C 274 -26.28 -20.35 25.98
CA ILE C 274 -25.09 -19.89 25.27
C ILE C 274 -24.69 -18.55 25.88
N GLN C 275 -23.48 -18.49 26.42
CA GLN C 275 -23.05 -17.32 27.17
C GLN C 275 -21.65 -16.89 26.79
N VAL C 276 -21.14 -15.89 27.49
CA VAL C 276 -19.72 -15.55 27.43
C VAL C 276 -19.11 -15.92 28.77
N PHE C 277 -17.82 -16.24 28.75
CA PHE C 277 -17.12 -16.59 29.97
C PHE C 277 -15.65 -16.28 29.78
N ASN C 278 -14.93 -16.13 30.88
CA ASN C 278 -13.49 -15.85 30.82
C ASN C 278 -12.76 -16.94 30.03
N TYR C 279 -12.01 -16.52 29.03
CA TYR C 279 -11.37 -17.45 28.11
C TYR C 279 -10.33 -18.34 28.78
N HIS C 280 -10.45 -19.65 28.55
CA HIS C 280 -9.46 -20.60 29.03
C HIS C 280 -9.12 -21.63 27.95
N GLY C 281 -9.89 -21.61 26.86
CA GLY C 281 -9.60 -22.43 25.71
C GLY C 281 -10.07 -23.87 25.81
N ASP C 282 -10.98 -24.13 26.75
CA ASP C 282 -11.55 -25.47 26.89
C ASP C 282 -12.44 -25.83 25.72
N ASP C 283 -12.89 -27.08 25.68
CA ASP C 283 -13.68 -27.57 24.55
C ASP C 283 -15.08 -26.96 24.48
N ASN C 284 -15.53 -26.35 25.57
CA ASN C 284 -16.83 -25.69 25.58
C ASN C 284 -16.72 -24.23 25.16
N GLN C 285 -15.56 -23.85 24.64
CA GLN C 285 -15.34 -22.52 24.11
C GLN C 285 -14.81 -22.58 22.68
N LYS C 286 -14.85 -23.78 22.10
CA LYS C 286 -14.48 -23.98 20.70
C LYS C 286 -15.71 -24.28 19.87
N TRP C 287 -15.78 -23.69 18.68
CA TRP C 287 -16.95 -23.82 17.83
C TRP C 287 -16.58 -24.16 16.40
N ASN C 288 -17.43 -24.95 15.75
CA ASN C 288 -17.29 -25.23 14.33
C ASN C 288 -18.24 -24.36 13.51
N ILE C 289 -17.67 -23.47 12.72
CA ILE C 289 -18.45 -22.63 11.82
C ILE C 289 -18.52 -23.32 10.47
N ARG C 290 -19.71 -23.78 10.10
CA ARG C 290 -19.86 -24.66 8.95
C ARG C 290 -20.90 -24.20 7.94
N ASN C 291 -20.80 -24.70 6.72
CA ASN C 291 -21.84 -24.55 5.72
C ASN C 291 -23.09 -25.28 6.19
N PRO C 292 -24.24 -24.61 6.15
CA PRO C 292 -25.50 -25.32 6.38
C PRO C 292 -25.78 -26.26 5.20
N PRO C 293 -25.87 -27.57 5.46
CA PRO C 293 -26.00 -28.58 4.41
C PRO C 293 -27.30 -28.45 3.62
C1 GAL D . -4.68 25.35 38.28
C2 GAL D . -4.64 25.23 36.75
C3 GAL D . -4.45 23.79 36.31
C4 GAL D . -3.31 23.15 37.09
C5 GAL D . -3.54 23.35 38.58
C6 GAL D . -2.48 22.66 39.42
O1 GAL D . -4.66 26.72 38.62
O2 GAL D . -5.86 25.73 36.23
O3 GAL D . -4.14 23.76 34.93
O4 GAL D . -2.12 23.78 36.70
O5 GAL D . -3.55 24.73 38.84
O6 GAL D . -2.64 21.25 39.31
C1 GAL E . -18.37 -24.25 33.73
C2 GAL E . -17.75 -24.03 32.35
C3 GAL E . -17.46 -22.55 32.19
C4 GAL E . -18.73 -21.74 32.44
C5 GAL E . -19.34 -22.12 33.78
C6 GAL E . -20.65 -21.37 34.00
O1 GAL E . -18.63 -25.63 33.90
O2 GAL E . -16.56 -24.78 32.21
O3 GAL E . -17.00 -22.32 30.87
O4 GAL E . -19.66 -22.00 31.41
O5 GAL E . -19.57 -23.52 33.81
O6 GAL E . -20.64 -20.16 33.28
#